data_6SCG
#
_entry.id   6SCG
#
_cell.length_a   97.138
_cell.length_b   97.138
_cell.length_c   233.432
_cell.angle_alpha   90.000
_cell.angle_beta   90.000
_cell.angle_gamma   90.000
#
_symmetry.space_group_name_H-M   'P 43 21 2'
#
loop_
_entity.id
_entity.type
_entity.pdbx_description
1 polymer 'Aldehyde-alcohol dehydrogenase'
2 non-polymer NICOTINAMIDE-ADENINE-DINUCLEOTIDE
3 non-polymer 'SULFATE ION'
4 non-polymer 1,2-ETHANEDIOL
5 non-polymer 'FE (III) ION'
6 non-polymer '2-(N-MORPHOLINO)-ETHANESULFONIC ACID'
7 water water
#
_entity_poly.entity_id   1
_entity_poly.type   'polypeptide(L)'
_entity_poly.pdbx_seq_one_letter_code
;MDMLWHKLPKSIYFRRGSLPIALDEVITDGHKRALIVTDRFLFNNGYADQITSVLKAAGVETEVFFEVEADPTLSIVRKG
AELANSFKPDVIIALGGGSPMDAAKIMWVMYEHPETHFEELALRFMDIRKRIYKFPKMGVKAKMIAVTTTSGTGSEVTPF
AVVTDDATGQKYPLADYALTPDMAIVDANLVMDMPKSLCAFGGLDAVTHAMEAYVSVLASEFSDGQALQALKLLKEYLPA
SYHEGSKNPVARERVHSAATIAGIAFANAFLGVCHSMAHKLGSQFHIPHGLANALLICNVIRYNANDNPTKQTAFSQYDR
PQARRRYAEIADHLGLSAPGDRTAAKIEKLLAWLETLKAELGIPKSIREAGVQEADFLANVDKLSEDAFDDQCTGANPRY
PLISELKQILLDTYYGRDYVEGETAAKKEAAPAKAEKKAKKSAPWGAGGLEVLFQ
;
_entity_poly.pdbx_strand_id   A,B
#
# COMPACT_ATOMS: atom_id res chain seq x y z
N ASP A 2 -9.04 4.51 -18.55
CA ASP A 2 -9.42 3.57 -17.45
C ASP A 2 -8.22 3.15 -16.59
N MET A 3 -7.16 3.99 -16.57
CA MET A 3 -6.02 3.80 -15.71
C MET A 3 -6.48 3.91 -14.25
N LEU A 4 -5.98 3.02 -13.39
CA LEU A 4 -6.22 3.08 -11.96
C LEU A 4 -4.91 3.33 -11.24
N TRP A 5 -4.99 3.57 -9.93
CA TRP A 5 -3.85 4.02 -9.16
C TRP A 5 -3.88 3.52 -7.72
N HIS A 6 -2.70 3.56 -7.11
CA HIS A 6 -2.48 3.32 -5.68
C HIS A 6 -1.56 4.44 -5.21
N LYS A 7 -2.15 5.38 -4.48
CA LYS A 7 -1.50 6.63 -4.09
C LYS A 7 -1.61 6.81 -2.57
N LEU A 8 -0.46 6.77 -1.88
CA LEU A 8 -0.39 6.83 -0.44
C LEU A 8 0.68 7.85 -0.04
N PRO A 9 0.70 8.29 1.24
CA PRO A 9 1.82 9.09 1.75
C PRO A 9 3.17 8.41 1.49
N LYS A 10 4.21 9.22 1.23
CA LYS A 10 5.60 8.79 1.09
C LYS A 10 6.03 7.81 2.19
N SER A 11 5.61 8.09 3.42
CA SER A 11 5.90 7.26 4.56
C SER A 11 4.68 7.12 5.44
N ILE A 12 4.37 5.88 5.79
CA ILE A 12 3.44 5.56 6.88
C ILE A 12 4.28 4.86 7.92
N TYR A 13 4.36 5.46 9.13
CA TYR A 13 5.11 4.92 10.24
C TYR A 13 4.14 4.44 11.29
N PHE A 14 4.42 3.27 11.89
CA PHE A 14 3.53 2.67 12.85
C PHE A 14 4.25 1.79 13.88
N ARG A 15 3.48 1.35 14.88
CA ARG A 15 3.91 0.69 16.11
C ARG A 15 3.87 1.64 17.28
N ARG A 16 3.60 1.09 18.46
CA ARG A 16 3.62 1.89 19.69
C ARG A 16 5.00 2.51 19.80
N GLY A 17 5.04 3.82 20.10
CA GLY A 17 6.29 4.55 20.23
C GLY A 17 6.90 5.09 18.95
N SER A 18 6.21 4.90 17.82
CA SER A 18 6.69 5.41 16.54
C SER A 18 6.70 6.94 16.42
N LEU A 19 5.86 7.63 17.20
CA LEU A 19 5.79 9.08 17.11
C LEU A 19 7.15 9.78 17.28
N PRO A 20 7.89 9.60 18.41
CA PRO A 20 9.16 10.28 18.59
C PRO A 20 10.21 9.86 17.58
N ILE A 21 10.14 8.61 17.12
CA ILE A 21 11.11 8.09 16.17
C ILE A 21 10.87 8.76 14.81
N ALA A 22 9.61 8.82 14.39
CA ALA A 22 9.24 9.51 13.14
C ALA A 22 9.61 10.99 13.20
N LEU A 23 9.39 11.63 14.36
CA LEU A 23 9.75 13.02 14.51
C LEU A 23 11.26 13.28 14.34
N ASP A 24 12.09 12.29 14.69
CA ASP A 24 13.51 12.44 14.48
C ASP A 24 13.86 12.61 13.00
N GLU A 25 13.10 11.94 12.11
CA GLU A 25 13.24 12.13 10.67
C GLU A 25 12.84 13.55 10.23
N VAL A 26 11.80 14.10 10.85
CA VAL A 26 11.39 15.48 10.57
C VAL A 26 12.56 16.42 10.87
N ILE A 27 13.24 16.18 11.99
CA ILE A 27 14.39 16.94 12.40
C ILE A 27 15.55 16.79 11.41
N THR A 28 15.90 15.55 11.07
CA THR A 28 17.05 15.32 10.21
C THR A 28 16.80 15.76 8.75
N ASP A 29 15.52 15.86 8.36
CA ASP A 29 15.13 16.40 7.06
C ASP A 29 15.35 17.91 6.96
N GLY A 30 15.67 18.54 8.10
CA GLY A 30 16.04 19.94 8.16
C GLY A 30 14.90 20.92 8.42
N HIS A 31 13.76 20.42 8.88
CA HIS A 31 12.63 21.28 9.22
C HIS A 31 12.99 22.13 10.44
N LYS A 32 12.66 23.43 10.37
CA LYS A 32 13.04 24.40 11.40
C LYS A 32 11.86 25.04 12.13
N ARG A 33 10.67 24.97 11.54
CA ARG A 33 9.47 25.65 12.06
C ARG A 33 8.24 24.78 11.86
N ALA A 34 7.65 24.33 12.96
CA ALA A 34 6.55 23.36 12.92
C ALA A 34 5.30 23.94 13.56
N LEU A 35 4.20 23.91 12.81
CA LEU A 35 2.87 24.27 13.31
C LEU A 35 2.07 23.00 13.57
N ILE A 36 1.66 22.80 14.83
CA ILE A 36 0.85 21.65 15.21
C ILE A 36 -0.60 22.12 15.21
N VAL A 37 -1.48 21.34 14.56
CA VAL A 37 -2.90 21.65 14.45
C VAL A 37 -3.68 20.55 15.17
N THR A 38 -4.45 20.94 16.19
CA THR A 38 -5.11 19.96 17.06
C THR A 38 -6.36 20.56 17.67
N ASP A 39 -6.94 19.86 18.64
CA ASP A 39 -8.12 20.34 19.35
C ASP A 39 -7.84 20.52 20.84
N ARG A 40 -8.83 21.06 21.55
CA ARG A 40 -8.64 21.41 22.94
C ARG A 40 -8.41 20.23 23.85
N PHE A 41 -9.15 19.13 23.63
CA PHE A 41 -8.99 17.91 24.41
C PHE A 41 -7.54 17.40 24.32
N LEU A 42 -7.03 17.31 23.09
CA LEU A 42 -5.70 16.75 22.88
C LEU A 42 -4.61 17.67 23.44
N PHE A 43 -4.80 18.99 23.31
CA PHE A 43 -3.86 19.92 23.92
C PHE A 43 -3.88 19.82 25.45
N ASN A 44 -5.07 19.88 26.04
CA ASN A 44 -5.23 19.85 27.48
C ASN A 44 -4.73 18.55 28.12
N ASN A 45 -4.78 17.44 27.37
CA ASN A 45 -4.34 16.15 27.88
C ASN A 45 -2.90 15.81 27.54
N GLY A 46 -2.14 16.79 27.05
CA GLY A 46 -0.70 16.66 26.85
C GLY A 46 -0.24 15.99 25.57
N TYR A 47 -1.17 15.70 24.66
CA TYR A 47 -0.83 14.98 23.43
C TYR A 47 0.07 15.83 22.53
N ALA A 48 -0.22 17.12 22.41
CA ALA A 48 0.60 18.01 21.60
C ALA A 48 2.03 18.15 22.14
N ASP A 49 2.18 18.05 23.46
CA ASP A 49 3.48 18.15 24.12
C ASP A 49 4.43 17.03 23.71
N GLN A 50 3.84 15.87 23.36
CA GLN A 50 4.60 14.71 22.89
C GLN A 50 5.33 15.03 21.57
N ILE A 51 4.77 15.96 20.80
CA ILE A 51 5.35 16.43 19.56
C ILE A 51 6.32 17.56 19.83
N THR A 52 5.82 18.61 20.50
CA THR A 52 6.61 19.83 20.65
C THR A 52 7.88 19.62 21.48
N SER A 53 7.82 18.76 22.50
CA SER A 53 9.00 18.48 23.34
C SER A 53 10.17 17.94 22.52
N VAL A 54 9.88 16.99 21.63
CA VAL A 54 10.89 16.36 20.77
C VAL A 54 11.50 17.40 19.82
N LEU A 55 10.63 18.19 19.20
CA LEU A 55 11.06 19.18 18.20
C LEU A 55 11.88 20.30 18.86
N LYS A 56 11.41 20.80 20.00
CA LYS A 56 12.10 21.87 20.73
C LYS A 56 13.50 21.44 21.17
N ALA A 57 13.65 20.18 21.60
CA ALA A 57 14.93 19.66 22.07
C ALA A 57 15.97 19.71 20.94
N ALA A 58 15.49 19.64 19.69
CA ALA A 58 16.35 19.71 18.52
C ALA A 58 16.50 21.11 17.91
N GLY A 59 15.98 22.13 18.62
CA GLY A 59 16.03 23.51 18.17
C GLY A 59 15.01 23.91 17.09
N VAL A 60 13.98 23.09 16.89
CA VAL A 60 12.89 23.41 15.96
C VAL A 60 11.92 24.34 16.69
N GLU A 61 11.56 25.46 16.05
CA GLU A 61 10.58 26.39 16.58
C GLU A 61 9.20 25.78 16.38
N THR A 62 8.36 25.87 17.41
CA THR A 62 7.02 25.29 17.36
C THR A 62 5.93 26.28 17.71
N GLU A 63 4.75 26.03 17.15
CA GLU A 63 3.53 26.77 17.47
C GLU A 63 2.41 25.73 17.46
N VAL A 64 1.44 25.89 18.36
CA VAL A 64 0.30 24.99 18.43
C VAL A 64 -0.99 25.77 18.26
N PHE A 65 -1.81 25.32 17.31
CA PHE A 65 -3.17 25.83 17.10
C PHE A 65 -4.09 24.71 17.57
N PHE A 66 -4.78 24.94 18.69
CA PHE A 66 -5.59 23.92 19.33
C PHE A 66 -7.10 24.19 19.33
N GLU A 67 -7.54 24.98 18.34
CA GLU A 67 -8.92 25.47 18.30
C GLU A 67 -9.86 24.76 17.33
N VAL A 68 -9.41 23.65 16.75
CA VAL A 68 -10.28 22.84 15.88
C VAL A 68 -11.35 22.23 16.75
N GLU A 69 -12.60 22.31 16.30
CA GLU A 69 -13.73 21.71 17.02
C GLU A 69 -14.26 20.50 16.28
N ALA A 70 -15.34 19.91 16.77
CA ALA A 70 -15.88 18.65 16.31
C ALA A 70 -15.96 18.50 14.80
N ASP A 71 -16.49 19.50 14.10
CA ASP A 71 -16.48 19.55 12.64
C ASP A 71 -15.68 20.75 12.19
N PRO A 72 -14.66 20.61 11.30
CA PRO A 72 -13.89 21.78 10.88
C PRO A 72 -14.81 22.85 10.27
N THR A 73 -14.70 24.10 10.74
CA THR A 73 -15.46 25.20 10.16
C THR A 73 -14.53 26.11 9.38
N LEU A 74 -15.08 26.84 8.41
CA LEU A 74 -14.31 27.75 7.59
C LEU A 74 -13.65 28.85 8.43
N SER A 75 -14.37 29.37 9.44
CA SER A 75 -13.82 30.39 10.32
C SER A 75 -12.55 29.88 11.04
N ILE A 76 -12.62 28.65 11.56
CA ILE A 76 -11.47 28.04 12.25
C ILE A 76 -10.31 27.74 11.28
N VAL A 77 -10.64 27.22 10.10
CA VAL A 77 -9.65 26.95 9.07
C VAL A 77 -8.93 28.24 8.65
N ARG A 78 -9.71 29.31 8.44
CA ARG A 78 -9.13 30.60 8.09
C ARG A 78 -8.20 31.14 9.21
N LYS A 79 -8.61 30.95 10.47
CA LYS A 79 -7.82 31.40 11.61
C LYS A 79 -6.49 30.65 11.68
N GLY A 80 -6.55 29.32 11.45
CA GLY A 80 -5.37 28.49 11.42
C GLY A 80 -4.44 28.88 10.28
N ALA A 81 -5.02 29.14 9.10
CA ALA A 81 -4.26 29.59 7.94
C ALA A 81 -3.57 30.93 8.19
N GLU A 82 -4.26 31.84 8.89
CA GLU A 82 -3.65 33.13 9.22
C GLU A 82 -2.48 32.97 10.20
N LEU A 83 -2.60 32.03 11.14
CA LEU A 83 -1.50 31.72 12.04
C LEU A 83 -0.32 31.15 11.26
N ALA A 84 -0.59 30.29 10.27
CA ALA A 84 0.45 29.77 9.40
C ALA A 84 1.12 30.90 8.63
N ASN A 85 0.32 31.83 8.11
CA ASN A 85 0.84 33.00 7.38
C ASN A 85 1.84 33.82 8.21
N SER A 86 1.54 33.97 9.52
CA SER A 86 2.36 34.75 10.44
CA SER A 86 2.37 34.75 10.43
C SER A 86 3.58 33.97 10.95
N PHE A 87 3.35 32.73 11.39
CA PHE A 87 4.40 31.87 11.94
C PHE A 87 5.37 31.31 10.90
N LYS A 88 4.86 31.07 9.68
CA LYS A 88 5.64 30.58 8.53
C LYS A 88 6.26 29.20 8.80
N PRO A 89 5.43 28.16 9.03
CA PRO A 89 5.96 26.81 9.24
C PRO A 89 6.51 26.25 7.94
N ASP A 90 7.53 25.39 8.08
CA ASP A 90 7.97 24.56 6.96
C ASP A 90 7.45 23.12 7.10
N VAL A 91 6.73 22.83 8.19
CA VAL A 91 6.01 21.57 8.34
C VAL A 91 4.77 21.85 9.18
N ILE A 92 3.63 21.29 8.73
CA ILE A 92 2.38 21.33 9.46
C ILE A 92 2.12 19.91 9.94
N ILE A 93 1.82 19.75 11.23
CA ILE A 93 1.63 18.45 11.86
C ILE A 93 0.24 18.43 12.47
N ALA A 94 -0.67 17.70 11.81
CA ALA A 94 -2.02 17.50 12.31
C ALA A 94 -2.00 16.43 13.37
N LEU A 95 -2.66 16.70 14.50
CA LEU A 95 -2.75 15.75 15.59
C LEU A 95 -4.19 15.64 15.99
N GLY A 96 -4.77 14.45 15.78
CA GLY A 96 -6.13 14.18 16.22
C GLY A 96 -6.86 13.21 15.35
N GLY A 97 -8.20 13.24 15.46
CA GLY A 97 -9.09 12.50 14.61
C GLY A 97 -9.30 13.19 13.28
N GLY A 98 -10.43 12.85 12.65
CA GLY A 98 -10.75 13.40 11.34
C GLY A 98 -10.86 14.92 11.32
N SER A 99 -11.31 15.53 12.40
CA SER A 99 -11.53 16.97 12.41
CA SER A 99 -11.54 16.98 12.41
C SER A 99 -10.22 17.76 12.30
N PRO A 100 -9.23 17.57 13.21
CA PRO A 100 -7.94 18.24 13.04
C PRO A 100 -7.22 17.83 11.75
N MET A 101 -7.29 16.55 11.35
CA MET A 101 -6.59 16.14 10.15
C MET A 101 -7.16 16.83 8.90
N ASP A 102 -8.50 16.84 8.77
CA ASP A 102 -9.15 17.48 7.64
C ASP A 102 -8.91 19.00 7.65
N ALA A 103 -9.05 19.63 8.83
CA ALA A 103 -8.86 21.07 8.97
C ALA A 103 -7.43 21.45 8.55
N ALA A 104 -6.45 20.69 9.01
CA ALA A 104 -5.04 20.94 8.71
C ALA A 104 -4.78 20.90 7.19
N LYS A 105 -5.40 19.94 6.49
CA LYS A 105 -5.23 19.84 5.05
C LYS A 105 -5.66 21.14 4.35
N ILE A 106 -6.80 21.70 4.77
CA ILE A 106 -7.30 22.93 4.15
C ILE A 106 -6.49 24.17 4.58
N MET A 107 -6.08 24.22 5.85
CA MET A 107 -5.19 25.30 6.31
C MET A 107 -3.91 25.30 5.46
N TRP A 108 -3.41 24.10 5.16
CA TRP A 108 -2.20 23.93 4.38
C TRP A 108 -2.35 24.54 2.98
N VAL A 109 -3.46 24.24 2.31
CA VAL A 109 -3.75 24.80 0.99
C VAL A 109 -3.78 26.32 1.05
N MET A 110 -4.49 26.86 2.04
CA MET A 110 -4.66 28.30 2.19
C MET A 110 -3.34 29.02 2.47
N TYR A 111 -2.47 28.38 3.23
CA TYR A 111 -1.12 28.87 3.52
C TYR A 111 -0.23 28.84 2.26
N GLU A 112 -0.28 27.72 1.53
CA GLU A 112 0.49 27.58 0.29
C GLU A 112 0.01 28.58 -0.78
N HIS A 113 -1.29 28.90 -0.75
CA HIS A 113 -1.92 29.75 -1.75
C HIS A 113 -2.85 30.78 -1.12
N PRO A 114 -2.30 31.84 -0.48
CA PRO A 114 -3.13 32.88 0.14
C PRO A 114 -3.95 33.67 -0.86
N GLU A 115 -3.55 33.66 -2.15
CA GLU A 115 -4.30 34.29 -3.23
C GLU A 115 -5.63 33.59 -3.56
N THR A 116 -5.73 32.30 -3.21
CA THR A 116 -6.85 31.46 -3.60
C THR A 116 -7.99 31.56 -2.58
N HIS A 117 -9.21 31.83 -3.09
CA HIS A 117 -10.40 31.89 -2.26
C HIS A 117 -10.93 30.47 -2.04
N PHE A 118 -11.46 30.22 -0.83
CA PHE A 118 -12.06 28.94 -0.52
C PHE A 118 -13.12 28.53 -1.55
N GLU A 119 -13.94 29.48 -2.02
CA GLU A 119 -14.97 29.19 -3.01
C GLU A 119 -14.39 28.47 -4.25
N GLU A 120 -13.24 28.96 -4.73
CA GLU A 120 -12.55 28.36 -5.87
C GLU A 120 -12.22 26.90 -5.60
N LEU A 121 -11.70 26.61 -4.41
CA LEU A 121 -11.32 25.25 -4.03
C LEU A 121 -12.55 24.35 -3.92
N ALA A 122 -13.56 24.83 -3.19
CA ALA A 122 -14.78 24.07 -2.89
C ALA A 122 -15.59 23.70 -4.14
N LEU A 123 -15.65 24.61 -5.10
CA LEU A 123 -16.46 24.41 -6.30
C LEU A 123 -15.71 23.66 -7.41
N ARG A 124 -14.37 23.72 -7.39
CA ARG A 124 -13.55 23.10 -8.43
C ARG A 124 -13.03 21.69 -8.09
N PHE A 125 -12.81 21.42 -6.80
CA PHE A 125 -12.12 20.19 -6.39
C PHE A 125 -12.91 19.41 -5.36
N MET A 126 -14.18 19.13 -5.67
CA MET A 126 -15.06 18.41 -4.74
C MET A 126 -14.97 16.89 -4.89
N ASP A 127 -14.37 16.45 -5.99
CA ASP A 127 -14.22 15.03 -6.29
C ASP A 127 -12.89 14.77 -6.99
N ILE A 128 -12.53 13.49 -7.08
CA ILE A 128 -11.40 13.06 -7.89
C ILE A 128 -11.94 12.71 -9.27
N ARG A 129 -11.33 13.32 -10.30
CA ARG A 129 -11.73 13.10 -11.69
C ARG A 129 -10.64 13.61 -12.61
N LYS A 130 -10.75 13.23 -13.89
CA LYS A 130 -9.86 13.73 -14.92
C LYS A 130 -10.19 15.20 -15.14
N ARG A 131 -9.16 16.05 -15.08
CA ARG A 131 -9.31 17.50 -15.24
C ARG A 131 -8.13 18.07 -16.03
N ILE A 132 -8.37 19.21 -16.70
CA ILE A 132 -7.32 19.93 -17.42
C ILE A 132 -6.60 20.88 -16.48
N TYR A 133 -7.36 21.68 -15.73
CA TYR A 133 -6.80 22.56 -14.71
C TYR A 133 -6.55 21.72 -13.43
N LYS A 134 -5.34 21.85 -12.89
CA LYS A 134 -4.83 20.99 -11.84
C LYS A 134 -4.88 21.75 -10.52
N PHE A 135 -4.84 20.99 -9.43
CA PHE A 135 -4.82 21.55 -8.09
C PHE A 135 -3.58 22.42 -7.92
N PRO A 136 -3.68 23.58 -7.23
CA PRO A 136 -2.49 24.43 -6.98
C PRO A 136 -1.36 23.63 -6.32
N LYS A 137 -0.14 23.90 -6.76
CA LYS A 137 1.05 23.16 -6.30
C LYS A 137 1.19 23.22 -4.78
N MET A 138 1.32 22.04 -4.17
CA MET A 138 1.47 21.90 -2.72
C MET A 138 2.87 21.47 -2.34
N GLY A 139 3.21 21.64 -1.06
CA GLY A 139 4.48 21.22 -0.51
C GLY A 139 5.68 22.08 -0.84
N VAL A 140 5.42 23.34 -1.19
CA VAL A 140 6.46 24.33 -1.49
C VAL A 140 6.89 25.02 -0.19
N LYS A 141 5.92 25.60 0.51
CA LYS A 141 6.16 26.24 1.80
C LYS A 141 6.31 25.24 2.95
N ALA A 142 5.54 24.16 2.90
CA ALA A 142 5.52 23.19 3.99
C ALA A 142 5.13 21.80 3.55
N LYS A 143 5.69 20.80 4.23
CA LYS A 143 5.20 19.43 4.18
C LYS A 143 4.11 19.22 5.25
N MET A 144 3.28 18.19 5.05
CA MET A 144 2.14 17.85 5.92
C MET A 144 2.36 16.49 6.54
N ILE A 145 2.25 16.43 7.87
CA ILE A 145 2.33 15.20 8.64
C ILE A 145 0.99 15.04 9.35
N ALA A 146 0.44 13.83 9.31
CA ALA A 146 -0.82 13.51 10.00
C ALA A 146 -0.60 12.46 11.06
N VAL A 147 -0.90 12.82 12.31
CA VAL A 147 -0.73 11.94 13.46
C VAL A 147 -2.13 11.62 13.99
N THR A 148 -2.62 10.41 13.70
CA THR A 148 -3.98 10.03 14.01
C THR A 148 -4.12 9.55 15.46
N THR A 149 -5.16 10.07 16.14
CA THR A 149 -5.46 9.71 17.52
C THR A 149 -6.83 9.03 17.67
N THR A 150 -7.41 8.57 16.57
CA THR A 150 -8.60 7.72 16.65
C THR A 150 -8.47 6.56 15.70
N SER A 151 -9.34 5.56 15.87
CA SER A 151 -9.18 4.27 15.18
C SER A 151 -10.48 3.79 14.51
N GLY A 152 -10.98 4.55 13.53
CA GLY A 152 -10.41 5.80 13.05
C GLY A 152 -10.93 6.12 11.66
N THR A 153 -10.64 7.35 11.23
CA THR A 153 -11.10 7.89 9.97
C THR A 153 -10.23 7.53 8.78
N GLY A 154 -8.97 7.17 9.05
CA GLY A 154 -7.98 6.97 8.03
C GLY A 154 -7.57 8.22 7.26
N SER A 155 -7.97 9.40 7.74
CA SER A 155 -7.70 10.64 7.01
C SER A 155 -6.19 10.89 6.80
N GLU A 156 -5.36 10.28 7.66
CA GLU A 156 -3.92 10.41 7.59
C GLU A 156 -3.32 9.88 6.28
N VAL A 157 -4.07 9.06 5.54
CA VAL A 157 -3.62 8.55 4.24
C VAL A 157 -4.46 8.93 3.01
N THR A 158 -5.49 9.78 3.18
CA THR A 158 -6.43 10.05 2.13
C THR A 158 -6.28 11.44 1.49
N PRO A 159 -6.81 11.62 0.27
CA PRO A 159 -6.84 12.91 -0.40
C PRO A 159 -8.05 13.79 -0.02
N PHE A 160 -8.78 13.42 1.03
CA PHE A 160 -10.07 14.04 1.34
C PHE A 160 -10.03 14.96 2.55
N ALA A 161 -10.86 16.02 2.47
CA ALA A 161 -11.13 16.90 3.60
C ALA A 161 -12.53 17.46 3.44
N VAL A 162 -13.18 17.75 4.57
CA VAL A 162 -14.50 18.35 4.55
C VAL A 162 -14.49 19.51 5.53
N VAL A 163 -15.04 20.64 5.09
CA VAL A 163 -15.14 21.85 5.90
C VAL A 163 -16.58 22.35 5.82
N THR A 164 -17.10 22.82 6.96
CA THR A 164 -18.44 23.37 7.06
C THR A 164 -18.34 24.90 6.98
N ASP A 165 -19.11 25.51 6.08
CA ASP A 165 -19.23 26.95 6.03
C ASP A 165 -20.17 27.35 7.17
N ASP A 166 -19.58 27.88 8.25
CA ASP A 166 -20.33 28.22 9.46
C ASP A 166 -21.44 29.24 9.21
N ALA A 167 -21.27 30.07 8.17
CA ALA A 167 -22.25 31.10 7.81
C ALA A 167 -23.58 30.49 7.35
N THR A 168 -23.53 29.31 6.72
CA THR A 168 -24.71 28.65 6.12
C THR A 168 -25.02 27.24 6.64
N GLY A 169 -24.04 26.60 7.28
CA GLY A 169 -24.15 25.20 7.69
C GLY A 169 -23.84 24.17 6.59
N GLN A 170 -23.54 24.64 5.39
CA GLN A 170 -23.29 23.75 4.25
C GLN A 170 -21.89 23.13 4.35
N LYS A 171 -21.81 21.82 4.12
CA LYS A 171 -20.55 21.09 4.12
C LYS A 171 -19.99 21.04 2.71
N TYR A 172 -18.69 21.27 2.59
CA TYR A 172 -17.98 21.27 1.34
C TYR A 172 -16.88 20.23 1.37
N PRO A 173 -17.02 19.10 0.63
CA PRO A 173 -15.92 18.15 0.49
C PRO A 173 -14.89 18.65 -0.49
N LEU A 174 -13.61 18.45 -0.17
CA LEU A 174 -12.50 18.69 -1.08
C LEU A 174 -11.80 17.37 -1.28
N ALA A 175 -11.28 17.14 -2.50
CA ALA A 175 -10.58 15.91 -2.81
C ALA A 175 -9.56 16.19 -3.88
N ASP A 176 -8.29 15.88 -3.56
CA ASP A 176 -7.20 15.89 -4.52
C ASP A 176 -6.00 15.21 -3.88
N TYR A 177 -5.25 14.44 -4.68
CA TYR A 177 -4.09 13.73 -4.16
C TYR A 177 -2.95 14.65 -3.69
N ALA A 178 -3.01 15.94 -4.03
CA ALA A 178 -2.09 16.91 -3.47
C ALA A 178 -2.37 17.18 -1.99
N LEU A 179 -3.54 16.76 -1.49
CA LEU A 179 -3.88 16.83 -0.07
C LEU A 179 -3.50 15.60 0.75
N THR A 180 -3.08 14.52 0.07
CA THR A 180 -2.58 13.36 0.77
C THR A 180 -1.38 13.79 1.61
N PRO A 181 -1.34 13.50 2.93
CA PRO A 181 -0.18 13.86 3.74
C PRO A 181 1.12 13.33 3.21
N ASP A 182 2.21 14.06 3.48
CA ASP A 182 3.56 13.57 3.16
C ASP A 182 3.99 12.42 4.07
N MET A 183 3.48 12.41 5.30
CA MET A 183 3.80 11.38 6.27
C MET A 183 2.58 11.14 7.14
N ALA A 184 2.28 9.87 7.39
CA ALA A 184 1.27 9.44 8.35
C ALA A 184 1.98 8.72 9.48
N ILE A 185 1.60 9.05 10.71
CA ILE A 185 2.13 8.41 11.91
C ILE A 185 0.97 7.78 12.66
N VAL A 186 1.09 6.47 12.89
CA VAL A 186 0.04 5.63 13.45
C VAL A 186 0.63 4.94 14.69
N ASP A 187 0.50 5.62 15.83
CA ASP A 187 1.16 5.23 17.07
C ASP A 187 0.07 4.95 18.07
N ALA A 188 -0.15 3.67 18.37
CA ALA A 188 -1.25 3.27 19.22
C ALA A 188 -1.17 3.72 20.68
N ASN A 189 0.01 4.18 21.13
CA ASN A 189 0.09 4.81 22.44
C ASN A 189 -0.87 6.00 22.56
N LEU A 190 -1.21 6.62 21.43
CA LEU A 190 -2.09 7.77 21.40
C LEU A 190 -3.60 7.44 21.47
N VAL A 191 -3.95 6.15 21.42
CA VAL A 191 -5.36 5.74 21.45
C VAL A 191 -5.71 4.81 22.62
N MET A 192 -4.78 4.58 23.54
CA MET A 192 -5.01 3.68 24.67
C MET A 192 -6.17 4.11 25.54
N ASP A 193 -6.37 5.43 25.67
CA ASP A 193 -7.39 5.99 26.56
C ASP A 193 -8.68 6.50 25.89
N MET A 194 -8.90 6.13 24.63
CA MET A 194 -10.15 6.47 23.93
C MET A 194 -11.32 5.92 24.73
N PRO A 195 -12.40 6.69 24.96
CA PRO A 195 -13.61 6.15 25.58
C PRO A 195 -14.29 5.11 24.69
N LYS A 196 -15.15 4.30 25.30
CA LYS A 196 -15.86 3.25 24.61
C LYS A 196 -16.62 3.74 23.36
N SER A 197 -17.36 4.85 23.48
CA SER A 197 -18.13 5.36 22.34
C SER A 197 -17.24 5.72 21.15
N LEU A 198 -16.11 6.37 21.42
CA LEU A 198 -15.16 6.75 20.37
C LEU A 198 -14.53 5.51 19.73
N CYS A 199 -14.18 4.53 20.57
CA CYS A 199 -13.68 3.25 20.09
C CYS A 199 -14.71 2.58 19.16
N ALA A 200 -15.96 2.51 19.61
CA ALA A 200 -17.01 1.87 18.82
C ALA A 200 -17.27 2.60 17.50
N PHE A 201 -17.45 3.92 17.58
CA PHE A 201 -17.81 4.70 16.41
C PHE A 201 -16.68 4.71 15.37
N GLY A 202 -15.44 4.91 15.84
CA GLY A 202 -14.28 4.90 14.95
C GLY A 202 -14.08 3.54 14.31
N GLY A 203 -14.26 2.48 15.12
CA GLY A 203 -14.08 1.11 14.62
C GLY A 203 -15.08 0.75 13.56
N LEU A 204 -16.35 1.12 13.77
CA LEU A 204 -17.39 0.84 12.79
C LEU A 204 -17.29 1.74 11.54
N ASP A 205 -16.78 2.97 11.69
CA ASP A 205 -16.40 3.81 10.56
C ASP A 205 -15.38 3.04 9.70
N ALA A 206 -14.34 2.49 10.32
CA ALA A 206 -13.29 1.72 9.64
C ALA A 206 -13.87 0.47 8.94
N VAL A 207 -14.76 -0.25 9.63
CA VAL A 207 -15.46 -1.38 9.01
C VAL A 207 -16.18 -0.93 7.74
N THR A 208 -16.91 0.19 7.84
CA THR A 208 -17.66 0.72 6.71
C THR A 208 -16.74 1.14 5.56
N HIS A 209 -15.62 1.80 5.89
CA HIS A 209 -14.65 2.21 4.86
C HIS A 209 -14.17 0.99 4.04
N ALA A 210 -13.80 -0.06 4.75
CA ALA A 210 -13.29 -1.26 4.10
C ALA A 210 -14.38 -1.97 3.30
N MET A 211 -15.58 -2.04 3.87
CA MET A 211 -16.71 -2.69 3.23
C MET A 211 -17.11 -1.97 1.94
N GLU A 212 -17.20 -0.64 1.99
CA GLU A 212 -17.57 0.12 0.79
C GLU A 212 -16.44 0.11 -0.26
N ALA A 213 -15.19 0.19 0.19
CA ALA A 213 -14.04 0.15 -0.73
C ALA A 213 -13.95 -1.18 -1.46
N TYR A 214 -14.37 -2.27 -0.81
CA TYR A 214 -14.28 -3.59 -1.43
C TYR A 214 -15.31 -3.76 -2.55
N VAL A 215 -16.52 -3.22 -2.36
CA VAL A 215 -17.60 -3.38 -3.35
C VAL A 215 -17.74 -2.19 -4.32
N SER A 216 -16.93 -1.15 -4.09
CA SER A 216 -16.88 0.02 -4.97
C SER A 216 -16.62 -0.40 -6.43
N VAL A 217 -17.20 0.35 -7.36
CA VAL A 217 -16.91 0.14 -8.78
C VAL A 217 -15.45 0.45 -9.13
N LEU A 218 -14.74 1.16 -8.25
CA LEU A 218 -13.33 1.47 -8.40
C LEU A 218 -12.40 0.56 -7.57
N ALA A 219 -12.96 -0.50 -6.99
CA ALA A 219 -12.12 -1.53 -6.36
C ALA A 219 -11.13 -2.09 -7.38
N SER A 220 -9.95 -2.49 -6.90
CA SER A 220 -8.96 -3.15 -7.75
C SER A 220 -8.18 -4.15 -6.96
N GLU A 221 -7.37 -4.93 -7.66
CA GLU A 221 -6.48 -5.87 -7.01
C GLU A 221 -5.43 -5.24 -6.09
N PHE A 222 -5.18 -3.92 -6.23
CA PHE A 222 -4.24 -3.20 -5.37
C PHE A 222 -4.84 -2.77 -4.04
N SER A 223 -6.16 -2.64 -3.97
CA SER A 223 -6.85 -2.25 -2.73
C SER A 223 -7.58 -3.37 -2.02
N ASP A 224 -8.02 -4.38 -2.78
CA ASP A 224 -8.84 -5.45 -2.23
C ASP A 224 -8.22 -6.16 -1.01
N GLY A 225 -6.92 -6.49 -1.10
CA GLY A 225 -6.22 -7.14 -0.02
C GLY A 225 -6.17 -6.34 1.26
N GLN A 226 -6.07 -5.02 1.11
CA GLN A 226 -6.03 -4.12 2.24
C GLN A 226 -7.42 -3.95 2.86
N ALA A 227 -8.45 -3.85 2.03
CA ALA A 227 -9.81 -3.82 2.54
C ALA A 227 -10.14 -5.06 3.36
N LEU A 228 -9.80 -6.24 2.81
CA LEU A 228 -10.05 -7.49 3.49
C LEU A 228 -9.25 -7.63 4.80
N GLN A 229 -7.99 -7.17 4.78
CA GLN A 229 -7.14 -7.19 5.96
C GLN A 229 -7.72 -6.31 7.07
N ALA A 230 -8.16 -5.10 6.70
CA ALA A 230 -8.77 -4.22 7.69
C ALA A 230 -9.98 -4.91 8.34
N LEU A 231 -10.84 -5.52 7.51
CA LEU A 231 -12.02 -6.20 8.03
C LEU A 231 -11.66 -7.36 8.97
N LYS A 232 -10.64 -8.15 8.61
CA LYS A 232 -10.21 -9.26 9.45
C LYS A 232 -9.67 -8.78 10.81
N LEU A 233 -8.83 -7.75 10.78
CA LEU A 233 -8.28 -7.17 11.99
C LEU A 233 -9.40 -6.63 12.89
N LEU A 234 -10.37 -5.95 12.28
CA LEU A 234 -11.48 -5.37 13.04
C LEU A 234 -12.35 -6.46 13.64
N LYS A 235 -12.67 -7.49 12.84
CA LYS A 235 -13.43 -8.62 13.35
C LYS A 235 -12.75 -9.24 14.58
N GLU A 236 -11.43 -9.42 14.48
CA GLU A 236 -10.66 -10.16 15.46
C GLU A 236 -10.28 -9.36 16.73
N TYR A 237 -10.21 -8.03 16.62
CA TYR A 237 -9.69 -7.19 17.70
C TYR A 237 -10.61 -6.07 18.18
N LEU A 238 -11.59 -5.66 17.37
CA LEU A 238 -12.46 -4.54 17.78
C LEU A 238 -13.27 -4.85 19.05
N PRO A 239 -13.86 -6.06 19.19
CA PRO A 239 -14.57 -6.38 20.42
C PRO A 239 -13.72 -6.23 21.68
N ALA A 240 -12.49 -6.77 21.65
CA ALA A 240 -11.60 -6.72 22.80
C ALA A 240 -11.12 -5.29 23.06
N SER A 241 -10.86 -4.53 21.98
CA SER A 241 -10.45 -3.14 22.12
C SER A 241 -11.53 -2.35 22.86
N TYR A 242 -12.79 -2.57 22.48
CA TYR A 242 -13.92 -1.90 23.09
C TYR A 242 -14.10 -2.29 24.56
N HIS A 243 -14.11 -3.60 24.82
CA HIS A 243 -14.38 -4.12 26.15
C HIS A 243 -13.24 -3.84 27.15
N GLU A 244 -12.00 -4.06 26.72
CA GLU A 244 -10.83 -4.02 27.61
C GLU A 244 -10.03 -2.72 27.53
N GLY A 245 -10.13 -2.02 26.39
CA GLY A 245 -9.41 -0.76 26.19
C GLY A 245 -7.93 -0.90 26.48
N SER A 246 -7.40 0.02 27.30
CA SER A 246 -5.97 0.10 27.60
C SER A 246 -5.40 -1.14 28.28
N LYS A 247 -6.28 -1.99 28.83
CA LYS A 247 -5.86 -3.24 29.43
C LYS A 247 -5.45 -4.28 28.38
N ASN A 248 -5.84 -4.07 27.12
CA ASN A 248 -5.45 -4.92 26.00
C ASN A 248 -4.79 -4.08 24.91
N PRO A 249 -3.52 -3.65 25.14
CA PRO A 249 -2.84 -2.76 24.20
C PRO A 249 -2.66 -3.39 22.81
N VAL A 250 -2.52 -4.71 22.73
CA VAL A 250 -2.44 -5.37 21.43
C VAL A 250 -3.70 -5.14 20.60
N ALA A 251 -4.88 -5.32 21.21
CA ALA A 251 -6.13 -5.10 20.50
C ALA A 251 -6.24 -3.63 20.05
N ARG A 252 -5.89 -2.69 20.94
CA ARG A 252 -5.92 -1.27 20.58
C ARG A 252 -4.99 -0.99 19.41
N GLU A 253 -3.80 -1.61 19.41
CA GLU A 253 -2.83 -1.42 18.34
C GLU A 253 -3.33 -1.99 17.02
N ARG A 254 -3.89 -3.21 17.06
CA ARG A 254 -4.38 -3.87 15.83
C ARG A 254 -5.50 -3.05 15.18
N VAL A 255 -6.41 -2.51 16.01
CA VAL A 255 -7.51 -1.71 15.48
C VAL A 255 -7.02 -0.37 14.90
N HIS A 256 -6.02 0.24 15.56
CA HIS A 256 -5.44 1.49 15.07
C HIS A 256 -4.84 1.27 13.68
N SER A 257 -4.08 0.18 13.52
CA SER A 257 -3.54 -0.20 12.21
C SER A 257 -4.67 -0.45 11.20
N ALA A 258 -5.70 -1.19 11.62
CA ALA A 258 -6.82 -1.55 10.76
C ALA A 258 -7.51 -0.30 10.16
N ALA A 259 -7.66 0.74 10.97
CA ALA A 259 -8.33 1.94 10.52
C ALA A 259 -7.52 2.65 9.43
N THR A 260 -6.19 2.65 9.57
CA THR A 260 -5.30 3.19 8.55
C THR A 260 -5.31 2.33 7.28
N ILE A 261 -5.31 1.01 7.46
CA ILE A 261 -5.34 0.07 6.33
C ILE A 261 -6.65 0.19 5.55
N ALA A 262 -7.76 0.39 6.26
CA ALA A 262 -9.03 0.71 5.60
C ALA A 262 -8.90 2.01 4.80
N GLY A 263 -8.21 3.00 5.39
CA GLY A 263 -7.84 4.23 4.70
C GLY A 263 -7.07 4.02 3.42
N ILE A 264 -6.09 3.12 3.45
CA ILE A 264 -5.30 2.80 2.25
C ILE A 264 -6.24 2.34 1.14
N ALA A 265 -7.21 1.50 1.49
CA ALA A 265 -8.16 1.00 0.50
C ALA A 265 -9.08 2.11 -0.04
N PHE A 266 -9.76 2.86 0.84
CA PHE A 266 -10.74 3.82 0.37
C PHE A 266 -10.14 5.11 -0.20
N ALA A 267 -8.89 5.42 0.16
CA ALA A 267 -8.17 6.52 -0.46
C ALA A 267 -8.07 6.36 -1.97
N ASN A 268 -8.09 5.09 -2.40
CA ASN A 268 -7.91 4.71 -3.78
C ASN A 268 -9.14 4.15 -4.49
N ALA A 269 -10.00 3.45 -3.73
CA ALA A 269 -11.21 2.83 -4.27
C ALA A 269 -12.49 3.59 -3.95
N PHE A 270 -12.40 4.55 -3.02
CA PHE A 270 -13.55 5.35 -2.58
C PHE A 270 -14.58 4.49 -1.84
N LEU A 271 -15.81 4.98 -1.75
CA LEU A 271 -16.80 4.46 -0.81
C LEU A 271 -18.12 4.13 -1.51
N GLY A 272 -19.26 4.52 -0.93
CA GLY A 272 -20.55 4.24 -1.51
C GLY A 272 -21.66 4.96 -0.76
N VAL A 273 -22.90 4.47 -0.95
CA VAL A 273 -24.07 5.17 -0.44
C VAL A 273 -24.25 5.09 1.07
N CYS A 274 -23.54 4.19 1.75
CA CYS A 274 -23.58 4.20 3.23
C CYS A 274 -23.03 5.54 3.70
N HIS A 275 -21.84 5.91 3.21
CA HIS A 275 -21.29 7.22 3.54
C HIS A 275 -22.14 8.39 3.06
N SER A 276 -22.72 8.29 1.87
CA SER A 276 -23.60 9.34 1.37
C SER A 276 -24.72 9.64 2.38
N MET A 277 -25.42 8.59 2.80
CA MET A 277 -26.51 8.74 3.75
C MET A 277 -26.03 9.13 5.15
N ALA A 278 -24.89 8.55 5.58
CA ALA A 278 -24.33 8.87 6.89
C ALA A 278 -23.94 10.35 7.01
N HIS A 279 -23.40 10.92 5.93
CA HIS A 279 -23.07 12.35 5.92
C HIS A 279 -24.30 13.18 6.23
N LYS A 280 -25.43 12.83 5.61
CA LYS A 280 -26.65 13.63 5.73
C LYS A 280 -27.32 13.43 7.09
N LEU A 281 -27.31 12.18 7.60
CA LEU A 281 -27.79 11.93 8.97
C LEU A 281 -26.96 12.70 9.99
N GLY A 282 -25.65 12.68 9.82
CA GLY A 282 -24.74 13.40 10.69
C GLY A 282 -25.00 14.89 10.73
N SER A 283 -25.09 15.52 9.57
CA SER A 283 -25.34 16.96 9.46
C SER A 283 -26.68 17.37 10.03
N GLN A 284 -27.71 16.58 9.69
CA GLN A 284 -29.08 16.96 10.05
C GLN A 284 -29.39 16.75 11.53
N PHE A 285 -28.93 15.63 12.09
CA PHE A 285 -29.28 15.24 13.46
C PHE A 285 -28.12 15.22 14.45
N HIS A 286 -26.92 15.62 14.01
CA HIS A 286 -25.74 15.72 14.84
C HIS A 286 -25.39 14.38 15.46
N ILE A 287 -25.55 13.33 14.64
CA ILE A 287 -25.15 11.96 14.97
C ILE A 287 -23.70 11.82 14.55
N PRO A 288 -22.81 11.34 15.45
CA PRO A 288 -21.41 11.11 15.06
C PRO A 288 -21.30 10.24 13.82
N HIS A 289 -20.34 10.60 12.96
CA HIS A 289 -20.12 9.94 11.67
C HIS A 289 -20.11 8.40 11.75
N GLY A 290 -19.33 7.86 12.69
CA GLY A 290 -19.19 6.41 12.83
C GLY A 290 -20.48 5.75 13.28
N LEU A 291 -21.23 6.42 14.16
CA LEU A 291 -22.54 5.93 14.57
C LEU A 291 -23.52 5.90 13.40
N ALA A 292 -23.56 7.00 12.62
CA ALA A 292 -24.41 7.08 11.44
C ALA A 292 -24.10 5.94 10.46
N ASN A 293 -22.82 5.71 10.19
CA ASN A 293 -22.43 4.58 9.33
C ASN A 293 -22.88 3.23 9.92
N ALA A 294 -22.64 3.04 11.22
CA ALA A 294 -23.01 1.81 11.92
C ALA A 294 -24.51 1.51 11.78
N LEU A 295 -25.34 2.56 11.87
CA LEU A 295 -26.78 2.42 11.77
C LEU A 295 -27.24 1.98 10.38
N LEU A 296 -26.52 2.42 9.35
CA LEU A 296 -26.92 2.24 7.95
C LEU A 296 -26.29 1.04 7.23
N ILE A 297 -25.11 0.62 7.66
CA ILE A 297 -24.29 -0.30 6.84
C ILE A 297 -24.99 -1.62 6.46
N CYS A 298 -25.67 -2.26 7.43
CA CYS A 298 -26.35 -3.51 7.15
C CYS A 298 -27.42 -3.37 6.05
N ASN A 299 -28.24 -2.32 6.13
CA ASN A 299 -29.27 -2.07 5.10
C ASN A 299 -28.68 -1.70 3.75
N VAL A 300 -27.51 -1.06 3.75
CA VAL A 300 -26.81 -0.74 2.50
C VAL A 300 -26.30 -2.03 1.85
N ILE A 301 -25.78 -2.94 2.66
CA ILE A 301 -25.38 -4.26 2.17
C ILE A 301 -26.58 -4.98 1.54
N ARG A 302 -27.72 -5.01 2.23
CA ARG A 302 -28.92 -5.64 1.71
C ARG A 302 -29.32 -5.03 0.36
N TYR A 303 -29.28 -3.69 0.30
CA TYR A 303 -29.60 -2.95 -0.91
C TYR A 303 -28.63 -3.27 -2.07
N ASN A 304 -27.32 -3.16 -1.79
CA ASN A 304 -26.30 -3.37 -2.81
C ASN A 304 -26.26 -4.83 -3.31
N ALA A 305 -26.63 -5.77 -2.43
CA ALA A 305 -26.59 -7.19 -2.76
C ALA A 305 -27.74 -7.65 -3.65
N ASN A 306 -28.71 -6.78 -3.92
CA ASN A 306 -29.84 -7.15 -4.77
C ASN A 306 -29.38 -7.76 -6.10
N PRO A 321 -19.07 -8.79 -12.17
CA PRO A 321 -18.57 -8.23 -10.90
C PRO A 321 -19.73 -7.72 -10.02
N GLN A 322 -20.66 -8.63 -9.68
CA GLN A 322 -21.79 -8.29 -8.82
C GLN A 322 -21.32 -8.01 -7.40
N ALA A 323 -21.88 -6.95 -6.79
CA ALA A 323 -21.64 -6.70 -5.37
C ALA A 323 -21.95 -7.93 -4.49
N ARG A 324 -23.01 -8.68 -4.83
N ARG A 324 -23.01 -8.67 -4.84
CA ARG A 324 -23.40 -9.84 -4.03
CA ARG A 324 -23.43 -9.85 -4.11
C ARG A 324 -22.28 -10.89 -3.96
C ARG A 324 -22.29 -10.89 -3.98
N ARG A 325 -21.59 -11.14 -5.09
CA ARG A 325 -20.43 -12.03 -5.09
C ARG A 325 -19.30 -11.48 -4.20
N ARG A 326 -19.09 -10.17 -4.23
CA ARG A 326 -18.04 -9.53 -3.45
C ARG A 326 -18.33 -9.65 -1.96
N TYR A 327 -19.58 -9.42 -1.55
CA TYR A 327 -19.95 -9.58 -0.15
C TYR A 327 -19.69 -11.01 0.31
N ALA A 328 -19.98 -11.99 -0.56
CA ALA A 328 -19.74 -13.40 -0.26
C ALA A 328 -18.24 -13.67 -0.09
N GLU A 329 -17.41 -13.00 -0.91
CA GLU A 329 -15.95 -13.08 -0.77
C GLU A 329 -15.48 -12.58 0.60
N ILE A 330 -16.09 -11.51 1.10
CA ILE A 330 -15.78 -11.00 2.43
C ILE A 330 -16.14 -12.03 3.50
N ALA A 331 -17.34 -12.60 3.39
CA ALA A 331 -17.77 -13.64 4.31
C ALA A 331 -16.75 -14.79 4.38
N ASP A 332 -16.29 -15.24 3.21
CA ASP A 332 -15.28 -16.30 3.13
C ASP A 332 -13.99 -15.87 3.80
N HIS A 333 -13.54 -14.65 3.53
CA HIS A 333 -12.31 -14.15 4.09
C HIS A 333 -12.32 -14.10 5.62
N LEU A 334 -13.48 -13.74 6.18
CA LEU A 334 -13.66 -13.60 7.61
C LEU A 334 -14.00 -14.93 8.32
N GLY A 335 -14.04 -16.02 7.56
CA GLY A 335 -14.32 -17.35 8.10
C GLY A 335 -15.74 -17.53 8.57
N LEU A 336 -16.68 -16.78 7.97
CA LEU A 336 -18.07 -16.78 8.40
C LEU A 336 -18.91 -17.82 7.69
N SER A 337 -18.46 -18.24 6.49
CA SER A 337 -19.22 -19.18 5.67
C SER A 337 -18.89 -20.64 6.04
N ALA A 338 -19.78 -21.54 5.65
CA ALA A 338 -19.60 -22.99 5.81
C ALA A 338 -19.47 -23.62 4.42
N PRO A 339 -18.73 -24.75 4.27
CA PRO A 339 -18.63 -25.42 2.97
C PRO A 339 -20.03 -25.68 2.40
N GLY A 340 -20.21 -25.38 1.11
CA GLY A 340 -21.47 -25.60 0.42
C GLY A 340 -22.48 -24.46 0.52
N ASP A 341 -22.19 -23.45 1.34
CA ASP A 341 -23.03 -22.25 1.41
C ASP A 341 -23.13 -21.58 0.05
N ARG A 342 -24.35 -21.21 -0.33
N ARG A 342 -24.35 -21.20 -0.32
CA ARG A 342 -24.62 -20.39 -1.50
CA ARG A 342 -24.61 -20.40 -1.51
C ARG A 342 -24.36 -18.93 -1.15
C ARG A 342 -24.36 -18.94 -1.15
N THR A 343 -24.23 -18.09 -2.19
CA THR A 343 -24.01 -16.66 -2.05
C THR A 343 -24.97 -16.01 -1.03
N ALA A 344 -26.27 -16.27 -1.18
CA ALA A 344 -27.30 -15.68 -0.33
C ALA A 344 -27.01 -15.96 1.16
N ALA A 345 -26.70 -17.22 1.47
CA ALA A 345 -26.40 -17.66 2.83
C ALA A 345 -25.12 -17.04 3.38
N LYS A 346 -24.09 -16.91 2.53
CA LYS A 346 -22.85 -16.23 2.93
C LYS A 346 -23.13 -14.77 3.33
N ILE A 347 -24.00 -14.10 2.57
CA ILE A 347 -24.35 -12.71 2.85
C ILE A 347 -25.14 -12.59 4.17
N GLU A 348 -26.06 -13.54 4.41
CA GLU A 348 -26.79 -13.56 5.66
C GLU A 348 -25.84 -13.73 6.85
N LYS A 349 -24.80 -14.56 6.67
CA LYS A 349 -23.79 -14.76 7.70
C LYS A 349 -22.93 -13.52 7.94
N LEU A 350 -22.62 -12.80 6.86
CA LEU A 350 -21.91 -11.52 6.96
C LEU A 350 -22.76 -10.52 7.77
N LEU A 351 -24.04 -10.43 7.44
CA LEU A 351 -24.96 -9.54 8.12
C LEU A 351 -25.11 -9.89 9.60
N ALA A 352 -25.18 -11.19 9.91
CA ALA A 352 -25.31 -11.66 11.28
C ALA A 352 -24.11 -11.26 12.12
N TRP A 353 -22.91 -11.42 11.53
CA TRP A 353 -21.66 -11.00 12.18
C TRP A 353 -21.72 -9.50 12.52
N LEU A 354 -22.10 -8.67 11.54
CA LEU A 354 -22.17 -7.24 11.74
C LEU A 354 -23.18 -6.86 12.83
N GLU A 355 -24.33 -7.52 12.82
CA GLU A 355 -25.37 -7.24 13.80
C GLU A 355 -24.88 -7.56 15.21
N THR A 356 -24.17 -8.68 15.36
CA THR A 356 -23.63 -9.09 16.65
C THR A 356 -22.52 -8.14 17.12
N LEU A 357 -21.69 -7.67 16.19
CA LEU A 357 -20.64 -6.71 16.47
C LEU A 357 -21.26 -5.39 16.97
N LYS A 358 -22.26 -4.89 16.24
CA LYS A 358 -22.96 -3.66 16.63
C LYS A 358 -23.52 -3.80 18.04
N ALA A 359 -24.15 -4.94 18.34
CA ALA A 359 -24.75 -5.20 19.65
C ALA A 359 -23.72 -5.13 20.77
N GLU A 360 -22.59 -5.80 20.61
CA GLU A 360 -21.62 -5.76 21.69
C GLU A 360 -20.93 -4.40 21.84
N LEU A 361 -20.94 -3.59 20.78
CA LEU A 361 -20.41 -2.22 20.86
C LEU A 361 -21.47 -1.19 21.27
N GLY A 362 -22.65 -1.65 21.66
CA GLY A 362 -23.69 -0.80 22.21
C GLY A 362 -24.39 0.11 21.20
N ILE A 363 -24.34 -0.26 19.93
CA ILE A 363 -24.95 0.52 18.86
C ILE A 363 -26.47 0.32 18.94
N PRO A 364 -27.28 1.40 18.91
CA PRO A 364 -28.74 1.25 18.89
C PRO A 364 -29.21 0.46 17.67
N LYS A 365 -30.39 -0.15 17.76
CA LYS A 365 -30.94 -0.97 16.69
C LYS A 365 -31.67 -0.18 15.58
N SER A 366 -31.77 1.15 15.74
CA SER A 366 -32.47 2.02 14.79
C SER A 366 -32.09 3.47 15.04
N ILE A 367 -32.38 4.33 14.05
CA ILE A 367 -32.14 5.77 14.21
C ILE A 367 -33.08 6.31 15.30
N ARG A 368 -34.29 5.74 15.40
CA ARG A 368 -35.23 6.15 16.45
C ARG A 368 -34.59 5.92 17.83
N GLU A 369 -33.96 4.75 18.01
CA GLU A 369 -33.31 4.41 19.28
C GLU A 369 -32.00 5.17 19.54
N ALA A 370 -31.49 5.85 18.51
CA ALA A 370 -30.37 6.78 18.64
C ALA A 370 -30.84 8.20 19.05
N GLY A 371 -32.14 8.36 19.32
CA GLY A 371 -32.70 9.56 19.89
C GLY A 371 -33.31 10.57 18.93
N VAL A 372 -33.50 10.20 17.66
CA VAL A 372 -34.14 11.09 16.69
C VAL A 372 -35.66 10.94 16.77
N GLN A 373 -36.37 12.06 16.96
CA GLN A 373 -37.83 12.05 17.05
C GLN A 373 -38.46 11.83 15.67
N GLU A 374 -39.58 11.07 15.66
CA GLU A 374 -40.22 10.64 14.42
C GLU A 374 -40.65 11.80 13.51
N ALA A 375 -41.30 12.83 14.08
CA ALA A 375 -41.78 13.97 13.30
C ALA A 375 -40.61 14.69 12.62
N ASP A 376 -39.53 14.90 13.38
CA ASP A 376 -38.29 15.49 12.89
C ASP A 376 -37.72 14.69 11.71
N PHE A 377 -37.68 13.37 11.86
CA PHE A 377 -37.15 12.50 10.80
C PHE A 377 -38.00 12.59 9.53
N LEU A 378 -39.32 12.47 9.71
CA LEU A 378 -40.24 12.47 8.58
C LEU A 378 -40.25 13.81 7.83
N ALA A 379 -40.05 14.90 8.58
CA ALA A 379 -40.03 16.24 8.00
C ALA A 379 -38.79 16.47 7.14
N ASN A 380 -37.73 15.70 7.39
CA ASN A 380 -36.45 15.87 6.71
C ASN A 380 -36.02 14.76 5.76
N VAL A 381 -36.75 13.63 5.75
CA VAL A 381 -36.31 12.43 5.03
C VAL A 381 -36.20 12.62 3.51
N ASP A 382 -37.13 13.38 2.91
CA ASP A 382 -37.07 13.64 1.47
C ASP A 382 -35.78 14.40 1.13
N LYS A 383 -35.49 15.46 1.88
CA LYS A 383 -34.26 16.22 1.68
C LYS A 383 -33.00 15.36 1.89
N LEU A 384 -33.03 14.52 2.92
CA LEU A 384 -31.89 13.61 3.18
C LEU A 384 -31.64 12.72 1.98
N SER A 385 -32.73 12.18 1.41
CA SER A 385 -32.65 11.24 0.30
CA SER A 385 -32.65 11.24 0.30
C SER A 385 -32.10 11.91 -0.95
N GLU A 386 -32.56 13.14 -1.22
CA GLU A 386 -32.11 13.93 -2.37
C GLU A 386 -30.63 14.27 -2.23
N ASP A 387 -30.25 14.78 -1.05
CA ASP A 387 -28.87 15.16 -0.79
C ASP A 387 -27.93 13.96 -0.85
N ALA A 388 -28.37 12.81 -0.31
CA ALA A 388 -27.57 11.60 -0.33
C ALA A 388 -27.31 11.14 -1.76
N PHE A 389 -28.34 11.20 -2.60
CA PHE A 389 -28.20 10.88 -4.03
C PHE A 389 -27.12 11.73 -4.68
N ASP A 390 -27.15 13.04 -4.39
CA ASP A 390 -26.21 14.00 -4.93
C ASP A 390 -24.79 13.92 -4.36
N ASP A 391 -24.63 13.28 -3.19
CA ASP A 391 -23.33 13.20 -2.51
C ASP A 391 -22.28 12.57 -3.44
N GLN A 392 -21.06 13.09 -3.36
CA GLN A 392 -19.94 12.61 -4.17
C GLN A 392 -19.69 11.12 -3.95
N CYS A 393 -19.96 10.62 -2.74
CA CYS A 393 -19.72 9.20 -2.42
C CYS A 393 -20.60 8.24 -3.20
N THR A 394 -21.74 8.73 -3.70
CA THR A 394 -22.69 7.89 -4.40
C THR A 394 -22.15 7.29 -5.69
N GLY A 395 -21.28 8.04 -6.38
CA GLY A 395 -20.77 7.66 -7.68
C GLY A 395 -20.02 6.33 -7.73
N ALA A 396 -19.38 5.96 -6.60
CA ALA A 396 -18.63 4.71 -6.51
C ALA A 396 -19.48 3.50 -6.10
N ASN A 397 -20.70 3.75 -5.63
CA ASN A 397 -21.57 2.66 -5.17
C ASN A 397 -21.86 1.70 -6.32
N PRO A 398 -21.81 0.38 -6.07
CA PRO A 398 -22.00 -0.60 -7.15
C PRO A 398 -23.43 -0.63 -7.71
N ARG A 399 -24.42 -0.19 -6.92
CA ARG A 399 -25.78 -0.02 -7.36
C ARG A 399 -26.05 1.48 -7.52
N TYR A 400 -26.43 1.91 -8.72
CA TYR A 400 -26.77 3.30 -8.98
C TYR A 400 -28.14 3.54 -8.36
N PRO A 401 -28.26 4.41 -7.35
CA PRO A 401 -29.51 4.54 -6.61
C PRO A 401 -30.55 5.48 -7.22
N LEU A 402 -31.82 5.22 -6.90
CA LEU A 402 -32.89 6.18 -7.10
C LEU A 402 -33.13 6.86 -5.75
N ILE A 403 -33.59 8.12 -5.81
CA ILE A 403 -33.92 8.87 -4.62
C ILE A 403 -34.96 8.10 -3.79
N SER A 404 -35.95 7.51 -4.46
CA SER A 404 -37.01 6.76 -3.78
C SER A 404 -36.48 5.55 -2.99
N GLU A 405 -35.42 4.91 -3.51
CA GLU A 405 -34.78 3.78 -2.85
C GLU A 405 -34.01 4.21 -1.61
N LEU A 406 -33.28 5.32 -1.71
CA LEU A 406 -32.55 5.86 -0.57
C LEU A 406 -33.54 6.29 0.53
N LYS A 407 -34.68 6.86 0.12
CA LYS A 407 -35.74 7.20 1.09
C LYS A 407 -36.20 5.95 1.84
N GLN A 408 -36.44 4.87 1.09
CA GLN A 408 -36.86 3.61 1.71
C GLN A 408 -35.82 3.07 2.70
N ILE A 409 -34.54 3.10 2.32
CA ILE A 409 -33.46 2.67 3.21
C ILE A 409 -33.48 3.50 4.49
N LEU A 410 -33.61 4.82 4.34
CA LEU A 410 -33.61 5.75 5.47
C LEU A 410 -34.77 5.46 6.42
N LEU A 411 -35.97 5.27 5.86
CA LEU A 411 -37.15 4.94 6.68
C LEU A 411 -36.98 3.60 7.38
N ASP A 412 -36.53 2.58 6.64
CA ASP A 412 -36.33 1.26 7.23
C ASP A 412 -35.36 1.34 8.41
N THR A 413 -34.28 2.10 8.21
CA THR A 413 -33.25 2.27 9.23
C THR A 413 -33.77 3.08 10.43
N TYR A 414 -34.65 4.05 10.16
CA TYR A 414 -35.28 4.81 11.23
C TYR A 414 -36.09 3.91 12.16
N TYR A 415 -36.91 3.04 11.55
CA TYR A 415 -37.85 2.20 12.29
C TYR A 415 -37.27 0.86 12.75
N GLY A 416 -36.02 0.58 12.35
CA GLY A 416 -35.34 -0.64 12.74
C GLY A 416 -35.76 -1.87 11.96
N ARG A 417 -36.24 -1.66 10.72
CA ARG A 417 -36.61 -2.73 9.81
C ARG A 417 -35.43 -3.06 8.89
N ASP A 418 -35.34 -4.34 8.49
CA ASP A 418 -34.43 -4.78 7.45
C ASP A 418 -34.98 -4.31 6.11
N TYR A 419 -34.10 -3.75 5.27
CA TYR A 419 -34.46 -3.38 3.90
C TYR A 419 -34.79 -4.65 3.12
N VAL A 420 -35.93 -4.63 2.42
CA VAL A 420 -36.38 -5.72 1.57
C VAL A 420 -36.75 -5.13 0.20
N GLU A 421 -36.23 -5.74 -0.86
CA GLU A 421 -36.30 -5.18 -2.22
C GLU A 421 -37.74 -5.10 -2.71
N ASP B 2 11.86 -0.17 17.33
CA ASP B 2 11.01 -1.21 16.70
C ASP B 2 9.86 -0.60 15.86
N MET B 3 10.03 0.66 15.41
CA MET B 3 9.11 1.29 14.50
C MET B 3 9.14 0.52 13.17
N LEU B 4 7.96 0.32 12.58
CA LEU B 4 7.84 -0.27 11.26
C LEU B 4 7.21 0.77 10.32
N TRP B 5 7.19 0.43 9.03
CA TRP B 5 6.80 1.39 8.01
C TRP B 5 6.17 0.72 6.79
N HIS B 6 5.45 1.53 6.02
CA HIS B 6 4.89 1.17 4.72
C HIS B 6 5.25 2.33 3.78
N LYS B 7 6.24 2.10 2.91
CA LYS B 7 6.85 3.13 2.07
C LYS B 7 6.82 2.69 0.62
N LEU B 8 6.08 3.44 -0.22
CA LEU B 8 5.86 3.08 -1.63
C LEU B 8 6.07 4.33 -2.48
N PRO B 9 6.21 4.20 -3.81
CA PRO B 9 6.19 5.36 -4.70
C PRO B 9 4.93 6.19 -4.51
N LYS B 10 5.08 7.53 -4.63
CA LYS B 10 3.99 8.50 -4.65
C LYS B 10 2.78 8.05 -5.47
N SER B 11 3.06 7.52 -6.67
CA SER B 11 2.04 7.01 -7.55
C SER B 11 2.46 5.66 -8.11
N ILE B 12 1.54 4.69 -8.00
CA ILE B 12 1.61 3.46 -8.78
C ILE B 12 0.41 3.49 -9.70
N TYR B 13 0.68 3.47 -11.01
CA TYR B 13 -0.36 3.50 -12.03
C TYR B 13 -0.38 2.15 -12.73
N PHE B 14 -1.58 1.66 -13.01
CA PHE B 14 -1.77 0.34 -13.59
C PHE B 14 -3.01 0.22 -14.44
N ARG B 15 -3.13 -0.95 -15.08
CA ARG B 15 -4.10 -1.30 -16.13
C ARG B 15 -3.42 -1.23 -17.50
N ARG B 16 -3.89 -2.09 -18.40
CA ARG B 16 -3.44 -2.07 -19.77
C ARG B 16 -3.69 -0.67 -20.34
N GLY B 17 -2.68 -0.12 -21.01
CA GLY B 17 -2.75 1.22 -21.61
C GLY B 17 -2.43 2.36 -20.68
N SER B 18 -2.05 2.05 -19.43
CA SER B 18 -1.68 3.09 -18.46
C SER B 18 -0.39 3.86 -18.83
N LEU B 19 0.50 3.25 -19.61
CA LEU B 19 1.76 3.92 -19.95
C LEU B 19 1.55 5.30 -20.59
N PRO B 20 0.84 5.42 -21.74
CA PRO B 20 0.69 6.73 -22.38
C PRO B 20 -0.08 7.72 -21.50
N ILE B 21 -1.01 7.20 -20.70
CA ILE B 21 -1.82 8.05 -19.82
C ILE B 21 -0.93 8.63 -18.73
N ALA B 22 -0.13 7.77 -18.09
CA ALA B 22 0.83 8.21 -17.08
C ALA B 22 1.86 9.20 -17.66
N LEU B 23 2.31 8.95 -18.89
CA LEU B 23 3.24 9.84 -19.55
C LEU B 23 2.64 11.25 -19.77
N ASP B 24 1.33 11.32 -19.97
CA ASP B 24 0.70 12.63 -20.10
C ASP B 24 0.86 13.47 -18.82
N GLU B 25 0.85 12.80 -17.66
CA GLU B 25 1.10 13.47 -16.38
C GLU B 25 2.56 13.94 -16.27
N VAL B 26 3.50 13.14 -16.79
CA VAL B 26 4.90 13.55 -16.84
C VAL B 26 5.02 14.87 -17.62
N ILE B 27 4.31 14.95 -18.74
CA ILE B 27 4.28 16.13 -19.57
C ILE B 27 3.68 17.33 -18.82
N THR B 28 2.50 17.13 -18.22
CA THR B 28 1.80 18.23 -17.57
C THR B 28 2.50 18.69 -16.28
N ASP B 29 3.30 17.81 -15.68
CA ASP B 29 4.14 18.14 -14.52
C ASP B 29 5.31 19.06 -14.89
N GLY B 30 5.52 19.26 -16.19
CA GLY B 30 6.48 20.23 -16.70
C GLY B 30 7.87 19.69 -16.99
N HIS B 31 8.01 18.37 -17.08
CA HIS B 31 9.28 17.76 -17.42
C HIS B 31 9.63 18.11 -18.87
N LYS B 32 10.89 18.48 -19.10
CA LYS B 32 11.37 18.93 -20.41
C LYS B 32 12.44 18.05 -21.05
N ARG B 33 13.10 17.22 -20.23
CA ARG B 33 14.24 16.41 -20.69
C ARG B 33 14.20 15.05 -20.02
N ALA B 34 13.98 14.00 -20.83
CA ALA B 34 13.77 12.65 -20.30
C ALA B 34 14.82 11.69 -20.82
N LEU B 35 15.49 11.01 -19.89
CA LEU B 35 16.44 9.93 -20.22
C LEU B 35 15.79 8.59 -19.93
N ILE B 36 15.66 7.77 -20.97
CA ILE B 36 15.09 6.42 -20.86
C ILE B 36 16.28 5.46 -20.69
N VAL B 37 16.20 4.57 -19.69
CA VAL B 37 17.23 3.57 -19.41
C VAL B 37 16.61 2.20 -19.63
N THR B 38 17.18 1.42 -20.56
CA THR B 38 16.61 0.15 -20.97
C THR B 38 17.72 -0.76 -21.49
N ASP B 39 17.31 -1.88 -22.11
CA ASP B 39 18.27 -2.81 -22.72
C ASP B 39 18.06 -2.91 -24.21
N ARG B 40 18.95 -3.63 -24.90
CA ARG B 40 18.98 -3.65 -26.34
C ARG B 40 17.75 -4.34 -26.94
N PHE B 41 17.32 -5.44 -26.32
CA PHE B 41 16.13 -6.15 -26.78
C PHE B 41 14.89 -5.27 -26.78
N LEU B 42 14.70 -4.52 -25.68
CA LEU B 42 13.53 -3.66 -25.55
C LEU B 42 13.60 -2.47 -26.49
N PHE B 43 14.80 -1.93 -26.72
CA PHE B 43 14.97 -0.88 -27.71
C PHE B 43 14.66 -1.39 -29.12
N ASN B 44 15.27 -2.52 -29.49
CA ASN B 44 15.09 -3.09 -30.82
C ASN B 44 13.66 -3.53 -31.12
N ASN B 45 12.89 -3.91 -30.09
CA ASN B 45 11.50 -4.31 -30.28
C ASN B 45 10.48 -3.17 -30.12
N GLY B 46 10.98 -1.93 -30.10
CA GLY B 46 10.13 -0.75 -30.11
C GLY B 46 9.52 -0.31 -28.80
N TYR B 47 9.93 -0.94 -27.69
CA TYR B 47 9.34 -0.64 -26.38
C TYR B 47 9.72 0.78 -25.95
N ALA B 48 10.98 1.16 -26.16
CA ALA B 48 11.43 2.52 -25.78
C ALA B 48 10.70 3.57 -26.61
N ASP B 49 10.38 3.25 -27.87
CA ASP B 49 9.68 4.17 -28.76
C ASP B 49 8.29 4.51 -28.24
N GLN B 50 7.67 3.58 -27.51
CA GLN B 50 6.35 3.79 -26.90
C GLN B 50 6.39 4.94 -25.89
N ILE B 51 7.56 5.15 -25.28
CA ILE B 51 7.78 6.25 -24.36
C ILE B 51 8.21 7.50 -25.12
N THR B 52 9.27 7.37 -25.91
CA THR B 52 9.86 8.55 -26.54
C THR B 52 8.93 9.24 -27.55
N SER B 53 8.12 8.46 -28.29
CA SER B 53 7.19 9.03 -29.26
C SER B 53 6.20 9.99 -28.59
N VAL B 54 5.65 9.58 -27.45
CA VAL B 54 4.67 10.38 -26.69
C VAL B 54 5.32 11.67 -26.19
N LEU B 55 6.52 11.53 -25.61
CA LEU B 55 7.23 12.66 -25.02
C LEU B 55 7.67 13.66 -26.10
N LYS B 56 8.23 13.15 -27.20
CA LYS B 56 8.67 14.02 -28.30
C LYS B 56 7.52 14.83 -28.91
N ALA B 57 6.36 14.20 -29.03
CA ALA B 57 5.17 14.83 -29.62
C ALA B 57 4.75 16.03 -28.79
N ALA B 58 5.06 16.00 -27.50
CA ALA B 58 4.75 17.10 -26.57
C ALA B 58 5.90 18.10 -26.38
N GLY B 59 6.95 17.97 -27.20
CA GLY B 59 8.11 18.85 -27.14
C GLY B 59 9.13 18.56 -26.04
N VAL B 60 9.04 17.37 -25.43
CA VAL B 60 10.02 16.94 -24.42
C VAL B 60 11.23 16.38 -25.17
N GLU B 61 12.43 16.81 -24.78
CA GLU B 61 13.67 16.27 -25.36
C GLU B 61 13.91 14.90 -24.75
N THR B 62 14.30 13.94 -25.58
CA THR B 62 14.54 12.58 -25.12
C THR B 62 15.92 12.05 -25.51
N GLU B 63 16.42 11.14 -24.67
CA GLU B 63 17.62 10.39 -24.93
C GLU B 63 17.37 8.98 -24.41
N VAL B 64 17.99 7.98 -25.03
CA VAL B 64 17.85 6.60 -24.60
C VAL B 64 19.23 5.99 -24.38
N PHE B 65 19.42 5.39 -23.21
CA PHE B 65 20.56 4.54 -22.91
C PHE B 65 20.05 3.10 -22.91
N PHE B 66 20.46 2.31 -23.91
CA PHE B 66 19.91 0.97 -24.09
C PHE B 66 20.97 -0.13 -23.94
N GLU B 67 22.02 0.16 -23.17
CA GLU B 67 23.17 -0.75 -23.03
C GLU B 67 23.21 -1.59 -21.75
N VAL B 68 22.12 -1.56 -20.98
CA VAL B 68 22.04 -2.36 -19.77
C VAL B 68 21.97 -3.82 -20.20
N GLU B 69 22.78 -4.65 -19.54
CA GLU B 69 22.73 -6.09 -19.74
C GLU B 69 22.34 -6.74 -18.43
N ALA B 70 22.12 -8.05 -18.46
CA ALA B 70 21.86 -8.83 -17.25
C ALA B 70 23.00 -8.58 -16.26
N ASP B 71 22.64 -8.47 -14.98
CA ASP B 71 23.59 -8.18 -13.91
C ASP B 71 24.27 -6.85 -14.27
N PRO B 72 23.61 -5.71 -13.97
CA PRO B 72 24.21 -4.40 -14.22
C PRO B 72 25.58 -4.31 -13.59
N THR B 73 26.55 -3.77 -14.34
CA THR B 73 27.92 -3.59 -13.89
C THR B 73 28.19 -2.12 -13.61
N LEU B 74 29.21 -1.87 -12.78
CA LEU B 74 29.66 -0.51 -12.48
C LEU B 74 30.05 0.27 -13.72
N SER B 75 30.76 -0.39 -14.66
CA SER B 75 31.14 0.27 -15.91
CA SER B 75 31.14 0.24 -15.92
C SER B 75 29.91 0.77 -16.67
N ILE B 76 28.88 -0.08 -16.79
CA ILE B 76 27.65 0.31 -17.50
C ILE B 76 26.88 1.40 -16.76
N VAL B 77 26.79 1.27 -15.43
CA VAL B 77 26.12 2.28 -14.61
C VAL B 77 26.84 3.62 -14.73
N ARG B 78 28.17 3.60 -14.67
CA ARG B 78 28.97 4.81 -14.84
C ARG B 78 28.77 5.45 -16.20
N LYS B 79 28.68 4.63 -17.26
CA LYS B 79 28.46 5.12 -18.62
C LYS B 79 27.10 5.79 -18.74
N GLY B 80 26.08 5.17 -18.15
CA GLY B 80 24.74 5.73 -18.11
C GLY B 80 24.69 7.04 -17.33
N ALA B 81 25.38 7.07 -16.18
CA ALA B 81 25.51 8.27 -15.36
C ALA B 81 26.20 9.41 -16.12
N GLU B 82 27.23 9.08 -16.90
CA GLU B 82 27.91 10.09 -17.71
C GLU B 82 27.01 10.65 -18.81
N LEU B 83 26.16 9.79 -19.39
CA LEU B 83 25.17 10.25 -20.35
C LEU B 83 24.18 11.21 -19.68
N ALA B 84 23.74 10.87 -18.45
CA ALA B 84 22.87 11.75 -17.69
C ALA B 84 23.56 13.09 -17.42
N ASN B 85 24.84 13.04 -17.04
CA ASN B 85 25.63 14.24 -16.80
C ASN B 85 25.69 15.18 -18.01
N SER B 86 25.76 14.61 -19.22
CA SER B 86 25.84 15.38 -20.47
CA SER B 86 25.84 15.40 -20.45
C SER B 86 24.47 15.85 -20.95
N PHE B 87 23.49 14.94 -20.94
CA PHE B 87 22.13 15.23 -21.40
C PHE B 87 21.31 16.10 -20.44
N LYS B 88 21.56 15.95 -19.14
CA LYS B 88 20.89 16.69 -18.07
C LYS B 88 19.38 16.47 -18.04
N PRO B 89 18.92 15.23 -17.80
CA PRO B 89 17.49 14.95 -17.71
C PRO B 89 16.89 15.55 -16.43
N ASP B 90 15.62 15.92 -16.50
CA ASP B 90 14.83 16.22 -15.31
C ASP B 90 13.91 15.07 -14.93
N VAL B 91 13.90 14.01 -15.73
CA VAL B 91 13.23 12.76 -15.39
C VAL B 91 14.01 11.62 -16.00
N ILE B 92 14.23 10.57 -15.21
CA ILE B 92 14.84 9.33 -15.66
C ILE B 92 13.73 8.29 -15.65
N ILE B 93 13.57 7.57 -16.77
CA ILE B 93 12.51 6.60 -16.95
C ILE B 93 13.16 5.25 -17.24
N ALA B 94 13.13 4.37 -16.24
CA ALA B 94 13.60 3.01 -16.40
C ALA B 94 12.53 2.18 -17.11
N LEU B 95 12.94 1.42 -18.12
CA LEU B 95 12.05 0.58 -18.87
C LEU B 95 12.68 -0.81 -18.98
N GLY B 96 12.03 -1.78 -18.36
CA GLY B 96 12.47 -3.16 -18.44
C GLY B 96 12.21 -3.97 -17.20
N GLY B 97 12.94 -5.07 -17.07
CA GLY B 97 12.93 -5.91 -15.90
C GLY B 97 13.84 -5.37 -14.82
N GLY B 98 14.25 -6.26 -13.93
CA GLY B 98 15.08 -5.86 -12.80
C GLY B 98 16.40 -5.23 -13.18
N SER B 99 17.01 -5.65 -14.31
CA SER B 99 18.32 -5.13 -14.67
C SER B 99 18.26 -3.63 -15.01
N PRO B 100 17.44 -3.18 -15.99
CA PRO B 100 17.31 -1.75 -16.24
C PRO B 100 16.79 -0.96 -15.04
N MET B 101 15.85 -1.51 -14.29
CA MET B 101 15.31 -0.76 -13.15
C MET B 101 16.38 -0.54 -12.08
N ASP B 102 17.13 -1.59 -11.72
CA ASP B 102 18.20 -1.47 -10.74
C ASP B 102 19.32 -0.54 -11.23
N ALA B 103 19.73 -0.69 -12.49
CA ALA B 103 20.76 0.13 -13.09
C ALA B 103 20.37 1.61 -13.05
N ALA B 104 19.12 1.89 -13.42
CA ALA B 104 18.62 3.27 -13.47
C ALA B 104 18.66 3.92 -12.08
N LYS B 105 18.33 3.16 -11.04
CA LYS B 105 18.35 3.71 -9.68
C LYS B 105 19.76 4.18 -9.33
N ILE B 106 20.79 3.39 -9.67
CA ILE B 106 22.15 3.76 -9.33
C ILE B 106 22.69 4.90 -10.24
N MET B 107 22.32 4.87 -11.53
CA MET B 107 22.64 5.98 -12.43
C MET B 107 22.09 7.28 -11.86
N TRP B 108 20.87 7.20 -11.33
CA TRP B 108 20.17 8.35 -10.76
C TRP B 108 20.96 8.97 -9.60
N VAL B 109 21.41 8.12 -8.67
CA VAL B 109 22.24 8.57 -7.55
C VAL B 109 23.51 9.25 -8.05
N MET B 110 24.19 8.61 -9.00
CA MET B 110 25.46 9.12 -9.51
C MET B 110 25.31 10.47 -10.23
N TYR B 111 24.17 10.64 -10.93
CA TYR B 111 23.82 11.89 -11.60
C TYR B 111 23.50 12.98 -10.57
N GLU B 112 22.70 12.64 -9.55
CA GLU B 112 22.36 13.57 -8.49
C GLU B 112 23.59 13.99 -7.69
N HIS B 113 24.55 13.07 -7.55
CA HIS B 113 25.73 13.26 -6.71
C HIS B 113 27.01 12.78 -7.39
N PRO B 114 27.51 13.53 -8.41
CA PRO B 114 28.74 13.16 -9.11
C PRO B 114 29.97 13.20 -8.20
N GLU B 115 29.89 13.96 -7.09
CA GLU B 115 30.96 14.06 -6.09
C GLU B 115 31.16 12.77 -5.28
N THR B 116 30.12 11.93 -5.23
CA THR B 116 30.10 10.76 -4.34
C THR B 116 30.78 9.57 -5.01
N HIS B 117 31.70 8.93 -4.27
CA HIS B 117 32.38 7.73 -4.73
C HIS B 117 31.48 6.53 -4.48
N PHE B 118 31.51 5.57 -5.41
CA PHE B 118 30.68 4.39 -5.27
C PHE B 118 30.95 3.64 -3.94
N GLU B 119 32.22 3.58 -3.54
CA GLU B 119 32.60 2.94 -2.27
C GLU B 119 31.79 3.49 -1.09
N GLU B 120 31.63 4.82 -1.03
CA GLU B 120 30.83 5.47 0.01
C GLU B 120 29.40 4.92 0.04
N LEU B 121 28.77 4.81 -1.14
CA LEU B 121 27.41 4.32 -1.25
C LEU B 121 27.31 2.86 -0.83
N ALA B 122 28.20 2.04 -1.40
CA ALA B 122 28.19 0.59 -1.20
C ALA B 122 28.41 0.17 0.24
N LEU B 123 29.29 0.88 0.96
CA LEU B 123 29.65 0.52 2.32
C LEU B 123 28.74 1.15 3.38
N ARG B 124 28.06 2.25 3.02
CA ARG B 124 27.19 2.96 3.97
C ARG B 124 25.73 2.55 3.89
N PHE B 125 25.27 2.11 2.70
CA PHE B 125 23.85 1.88 2.46
C PHE B 125 23.56 0.50 1.92
N MET B 126 24.14 -0.51 2.58
CA MET B 126 23.93 -1.91 2.21
C MET B 126 22.70 -2.50 2.87
N ASP B 127 22.21 -1.83 3.92
CA ASP B 127 21.16 -2.38 4.77
C ASP B 127 20.21 -1.29 5.19
N ILE B 128 18.91 -1.54 5.08
CA ILE B 128 17.92 -0.56 5.55
C ILE B 128 18.10 -0.24 7.04
N TYR B 133 24.15 6.84 8.26
CA TYR B 133 24.08 8.10 7.52
C TYR B 133 22.69 8.39 6.96
N LYS B 134 22.43 9.65 6.65
CA LYS B 134 21.28 10.01 5.82
C LYS B 134 21.73 9.86 4.36
N PHE B 135 20.92 9.20 3.54
CA PHE B 135 21.23 9.05 2.12
C PHE B 135 21.31 10.44 1.49
N PRO B 136 22.26 10.70 0.56
CA PRO B 136 22.33 11.99 -0.12
C PRO B 136 20.98 12.34 -0.77
N LYS B 137 20.58 13.61 -0.68
CA LYS B 137 19.27 14.05 -1.13
C LYS B 137 19.02 13.68 -2.61
N MET B 138 17.90 13.01 -2.87
CA MET B 138 17.50 12.61 -4.23
C MET B 138 16.34 13.41 -4.74
N GLY B 139 16.14 13.40 -6.06
CA GLY B 139 15.02 14.07 -6.71
C GLY B 139 15.15 15.57 -6.84
N VAL B 140 16.39 16.07 -6.83
CA VAL B 140 16.69 17.49 -7.03
C VAL B 140 16.86 17.78 -8.51
N LYS B 141 17.76 17.04 -9.17
CA LYS B 141 17.97 17.16 -10.60
C LYS B 141 16.89 16.45 -11.43
N ALA B 142 16.42 15.31 -10.93
CA ALA B 142 15.47 14.48 -11.68
C ALA B 142 14.60 13.64 -10.80
N LYS B 143 13.36 13.40 -11.25
CA LYS B 143 12.50 12.37 -10.69
C LYS B 143 12.77 11.04 -11.43
N MET B 144 12.40 9.94 -10.78
CA MET B 144 12.60 8.56 -11.27
C MET B 144 11.26 7.90 -11.49
N ILE B 145 11.07 7.38 -12.71
CA ILE B 145 9.89 6.60 -13.07
C ILE B 145 10.39 5.22 -13.46
N ALA B 146 9.70 4.19 -12.94
CA ALA B 146 10.01 2.80 -13.30
C ALA B 146 8.84 2.17 -14.03
N VAL B 147 9.11 1.68 -15.25
CA VAL B 147 8.14 1.05 -16.10
C VAL B 147 8.54 -0.42 -16.27
N THR B 148 7.84 -1.30 -15.55
CA THR B 148 8.22 -2.71 -15.51
C THR B 148 7.68 -3.49 -16.71
N THR B 149 8.55 -4.30 -17.29
CA THR B 149 8.20 -5.15 -18.44
C THR B 149 8.35 -6.63 -18.15
N THR B 150 8.45 -7.00 -16.86
CA THR B 150 8.39 -8.42 -16.48
C THR B 150 7.49 -8.58 -15.29
N SER B 151 7.11 -9.84 -15.00
CA SER B 151 6.08 -10.11 -14.01
C SER B 151 6.50 -11.19 -13.01
N GLY B 152 7.54 -10.94 -12.22
CA GLY B 152 8.34 -9.73 -12.24
C GLY B 152 9.10 -9.57 -10.92
N THR B 153 10.02 -8.60 -10.91
CA THR B 153 10.89 -8.32 -9.79
C THR B 153 10.28 -7.42 -8.73
N GLY B 154 9.27 -6.66 -9.13
CA GLY B 154 8.72 -5.61 -8.30
C GLY B 154 9.65 -4.46 -8.01
N SER B 155 10.78 -4.36 -8.73
CA SER B 155 11.79 -3.33 -8.44
C SER B 155 11.21 -1.92 -8.59
N GLU B 156 10.13 -1.79 -9.37
CA GLU B 156 9.47 -0.50 -9.60
C GLU B 156 8.91 0.12 -8.32
N VAL B 157 8.75 -0.67 -7.25
CA VAL B 157 8.29 -0.17 -5.94
C VAL B 157 9.25 -0.30 -4.76
N THR B 158 10.47 -0.81 -4.99
CA THR B 158 11.38 -1.13 -3.91
C THR B 158 12.53 -0.13 -3.74
N PRO B 159 13.15 -0.14 -2.54
CA PRO B 159 14.34 0.67 -2.27
C PRO B 159 15.65 -0.01 -2.62
N PHE B 160 15.59 -1.10 -3.40
CA PHE B 160 16.77 -1.95 -3.62
C PHE B 160 17.35 -1.80 -5.02
N ALA B 161 18.68 -1.87 -5.10
CA ALA B 161 19.40 -1.99 -6.36
C ALA B 161 20.67 -2.79 -6.10
N VAL B 162 21.14 -3.51 -7.13
CA VAL B 162 22.38 -4.27 -7.00
C VAL B 162 23.21 -4.03 -8.24
N VAL B 163 24.51 -3.79 -8.02
CA VAL B 163 25.45 -3.60 -9.09
C VAL B 163 26.68 -4.49 -8.87
N THR B 164 27.24 -4.99 -9.97
CA THR B 164 28.43 -5.83 -9.94
C THR B 164 29.65 -4.99 -10.28
N ASP B 165 30.68 -5.05 -9.44
CA ASP B 165 31.96 -4.41 -9.74
C ASP B 165 32.67 -5.31 -10.74
N ASP B 166 32.70 -4.88 -12.01
CA ASP B 166 33.36 -5.59 -13.13
C ASP B 166 34.76 -6.06 -12.82
N ALA B 167 35.48 -5.20 -12.09
CA ALA B 167 36.89 -5.39 -11.80
C ALA B 167 37.14 -6.63 -10.94
N THR B 168 36.18 -6.97 -10.07
CA THR B 168 36.33 -8.07 -9.10
C THR B 168 35.26 -9.17 -9.17
N GLY B 169 34.13 -8.88 -9.81
CA GLY B 169 32.98 -9.77 -9.82
C GLY B 169 32.08 -9.70 -8.59
N GLN B 170 32.43 -8.84 -7.62
CA GLN B 170 31.69 -8.74 -6.37
C GLN B 170 30.41 -7.92 -6.58
N LYS B 171 29.30 -8.42 -6.03
CA LYS B 171 28.02 -7.74 -6.09
C LYS B 171 27.85 -6.86 -4.87
N TYR B 172 27.35 -5.64 -5.09
CA TYR B 172 27.11 -4.68 -4.05
C TYR B 172 25.63 -4.29 -4.04
N PRO B 173 24.86 -4.78 -3.05
CA PRO B 173 23.48 -4.33 -2.89
C PRO B 173 23.44 -2.95 -2.24
N LEU B 174 22.55 -2.10 -2.74
CA LEU B 174 22.24 -0.83 -2.12
C LEU B 174 20.79 -0.89 -1.70
N ALA B 175 20.48 -0.28 -0.56
CA ALA B 175 19.13 -0.27 -0.04
C ALA B 175 18.90 1.01 0.72
N ASP B 176 17.99 1.83 0.21
CA ASP B 176 17.55 3.04 0.89
C ASP B 176 16.27 3.52 0.23
N TYR B 177 15.35 4.06 1.04
CA TYR B 177 14.06 4.50 0.52
C TYR B 177 14.16 5.72 -0.39
N ALA B 178 15.32 6.38 -0.42
CA ALA B 178 15.57 7.43 -1.42
C ALA B 178 15.75 6.87 -2.82
N LEU B 179 15.94 5.55 -2.94
CA LEU B 179 15.98 4.87 -4.24
C LEU B 179 14.62 4.36 -4.73
N THR B 180 13.60 4.41 -3.88
CA THR B 180 12.25 4.07 -4.28
C THR B 180 11.85 5.01 -5.41
N PRO B 181 11.37 4.50 -6.56
CA PRO B 181 10.93 5.38 -7.64
C PRO B 181 9.86 6.36 -7.19
N ASP B 182 9.83 7.52 -7.86
CA ASP B 182 8.76 8.49 -7.65
C ASP B 182 7.42 8.04 -8.22
N MET B 183 7.48 7.23 -9.28
CA MET B 183 6.30 6.72 -9.96
C MET B 183 6.63 5.33 -10.51
N ALA B 184 5.69 4.40 -10.32
CA ALA B 184 5.73 3.09 -10.94
C ALA B 184 4.59 2.98 -11.93
N ILE B 185 4.88 2.45 -13.12
CA ILE B 185 3.88 2.24 -14.15
C ILE B 185 3.86 0.74 -14.48
N VAL B 186 2.68 0.15 -14.33
CA VAL B 186 2.46 -1.29 -14.42
C VAL B 186 1.40 -1.52 -15.51
N ASP B 187 1.87 -1.64 -16.75
CA ASP B 187 1.03 -1.70 -17.93
C ASP B 187 1.24 -3.05 -18.59
N ALA B 188 0.27 -3.93 -18.43
CA ALA B 188 0.40 -5.31 -18.93
C ALA B 188 0.47 -5.45 -20.44
N ASN B 189 0.16 -4.39 -21.20
CA ASN B 189 0.42 -4.45 -22.65
C ASN B 189 1.90 -4.73 -22.94
N LEU B 190 2.79 -4.36 -22.00
CA LEU B 190 4.22 -4.53 -22.15
C LEU B 190 4.73 -5.96 -21.85
N VAL B 191 3.85 -6.84 -21.37
CA VAL B 191 4.24 -8.19 -21.00
C VAL B 191 3.50 -9.31 -21.78
N MET B 192 2.69 -8.92 -22.75
CA MET B 192 1.88 -9.89 -23.51
C MET B 192 2.73 -10.90 -24.27
N ASP B 193 3.92 -10.46 -24.71
CA ASP B 193 4.81 -11.29 -25.53
C ASP B 193 6.02 -11.88 -24.83
N MET B 194 6.03 -11.88 -23.50
CA MET B 194 7.12 -12.49 -22.73
C MET B 194 7.23 -13.95 -23.11
N PRO B 195 8.46 -14.46 -23.32
CA PRO B 195 8.65 -15.89 -23.56
C PRO B 195 8.35 -16.70 -22.31
N LYS B 196 8.15 -18.00 -22.51
CA LYS B 196 7.74 -18.88 -21.42
C LYS B 196 8.71 -18.86 -20.24
N SER B 197 10.02 -18.94 -20.50
CA SER B 197 10.99 -18.96 -19.41
C SER B 197 10.95 -17.67 -18.59
N LEU B 198 10.80 -16.52 -19.26
CA LEU B 198 10.70 -15.25 -18.54
C LEU B 198 9.43 -15.17 -17.70
N CYS B 199 8.33 -15.63 -18.28
CA CYS B 199 7.06 -15.74 -17.56
C CYS B 199 7.22 -16.62 -16.30
N ALA B 200 7.80 -17.80 -16.48
CA ALA B 200 7.98 -18.72 -15.38
C ALA B 200 8.91 -18.18 -14.29
N PHE B 201 10.07 -17.66 -14.69
CA PHE B 201 11.09 -17.26 -13.75
C PHE B 201 10.61 -16.00 -12.99
N GLY B 202 10.03 -15.04 -13.72
CA GLY B 202 9.47 -13.84 -13.08
C GLY B 202 8.33 -14.18 -12.14
N GLY B 203 7.45 -15.08 -12.57
CA GLY B 203 6.29 -15.48 -11.79
C GLY B 203 6.68 -16.13 -10.48
N LEU B 204 7.65 -17.05 -10.54
CA LEU B 204 8.12 -17.72 -9.35
C LEU B 204 8.99 -16.83 -8.44
N ASP B 205 9.70 -15.86 -9.04
CA ASP B 205 10.35 -14.80 -8.26
C ASP B 205 9.28 -14.06 -7.44
N ALA B 206 8.17 -13.69 -8.07
CA ALA B 206 7.06 -13.00 -7.40
C ALA B 206 6.44 -13.86 -6.28
N VAL B 207 6.23 -15.15 -6.55
CA VAL B 207 5.76 -16.08 -5.53
C VAL B 207 6.70 -16.08 -4.34
N THR B 208 8.01 -16.18 -4.61
CA THR B 208 9.02 -16.19 -3.57
C THR B 208 9.03 -14.89 -2.76
N HIS B 209 8.95 -13.76 -3.46
CA HIS B 209 8.89 -12.45 -2.76
C HIS B 209 7.75 -12.42 -1.75
N ALA B 210 6.55 -12.81 -2.18
CA ALA B 210 5.37 -12.76 -1.33
C ALA B 210 5.47 -13.77 -0.18
N MET B 211 5.97 -14.97 -0.50
CA MET B 211 6.12 -16.02 0.48
C MET B 211 7.12 -15.64 1.58
N GLU B 212 8.28 -15.10 1.19
CA GLU B 212 9.28 -14.69 2.16
C GLU B 212 8.82 -13.47 2.96
N ALA B 213 8.13 -12.52 2.30
CA ALA B 213 7.64 -11.33 3.00
C ALA B 213 6.59 -11.69 4.04
N TYR B 214 5.79 -12.73 3.78
CA TYR B 214 4.76 -13.13 4.72
C TYR B 214 5.34 -13.75 6.00
N VAL B 215 6.40 -14.56 5.86
CA VAL B 215 7.00 -15.23 7.03
C VAL B 215 8.20 -14.49 7.64
N SER B 216 8.60 -13.38 7.01
CA SER B 216 9.68 -12.54 7.50
C SER B 216 9.40 -12.09 8.95
N VAL B 217 10.46 -11.95 9.74
CA VAL B 217 10.33 -11.40 11.08
C VAL B 217 9.89 -9.94 11.08
N LEU B 218 10.00 -9.29 9.92
CA LEU B 218 9.55 -7.90 9.75
C LEU B 218 8.19 -7.79 9.05
N ALA B 219 7.49 -8.93 8.89
CA ALA B 219 6.11 -8.90 8.44
C ALA B 219 5.27 -8.06 9.39
N SER B 220 4.25 -7.40 8.85
CA SER B 220 3.32 -6.64 9.68
C SER B 220 1.94 -6.71 9.11
N GLU B 221 0.99 -6.16 9.85
CA GLU B 221 -0.38 -6.07 9.39
C GLU B 221 -0.56 -5.18 8.13
N PHE B 222 0.41 -4.31 7.83
CA PHE B 222 0.37 -3.45 6.65
C PHE B 222 0.86 -4.12 5.36
N SER B 223 1.66 -5.20 5.50
CA SER B 223 2.15 -5.93 4.33
C SER B 223 1.48 -7.28 4.11
N ASP B 224 1.00 -7.90 5.18
CA ASP B 224 0.47 -9.27 5.11
C ASP B 224 -0.64 -9.44 4.07
N GLY B 225 -1.58 -8.50 4.02
CA GLY B 225 -2.68 -8.55 3.07
C GLY B 225 -2.23 -8.50 1.63
N GLN B 226 -1.16 -7.73 1.37
CA GLN B 226 -0.62 -7.58 0.03
C GLN B 226 0.17 -8.84 -0.35
N ALA B 227 0.93 -9.39 0.58
CA ALA B 227 1.63 -10.65 0.30
C ALA B 227 0.61 -11.76 -0.05
N LEU B 228 -0.44 -11.88 0.74
CA LEU B 228 -1.47 -12.89 0.49
C LEU B 228 -2.21 -12.68 -0.83
N GLN B 229 -2.49 -11.40 -1.15
CA GLN B 229 -3.13 -11.07 -2.42
C GLN B 229 -2.26 -11.45 -3.61
N ALA B 230 -0.96 -11.13 -3.54
CA ALA B 230 -0.04 -11.52 -4.62
C ALA B 230 -0.06 -13.03 -4.80
N LEU B 231 -0.01 -13.77 -3.69
CA LEU B 231 0.01 -15.24 -3.79
C LEU B 231 -1.29 -15.79 -4.40
N LYS B 232 -2.44 -15.21 -4.02
CA LYS B 232 -3.72 -15.63 -4.57
C LYS B 232 -3.81 -15.37 -6.07
N LEU B 233 -3.40 -14.18 -6.50
CA LEU B 233 -3.38 -13.82 -7.90
C LEU B 233 -2.47 -14.75 -8.69
N LEU B 234 -1.30 -15.04 -8.13
CA LEU B 234 -0.32 -15.91 -8.81
C LEU B 234 -0.88 -17.32 -8.91
N LYS B 235 -1.44 -17.84 -7.81
CA LYS B 235 -2.04 -19.18 -7.84
C LYS B 235 -3.12 -19.27 -8.92
N GLU B 236 -3.97 -18.24 -9.00
CA GLU B 236 -5.14 -18.25 -9.85
C GLU B 236 -4.86 -17.98 -11.34
N TYR B 237 -3.79 -17.23 -11.64
CA TYR B 237 -3.54 -16.75 -12.99
C TYR B 237 -2.18 -17.13 -13.61
N LEU B 238 -1.19 -17.48 -12.80
CA LEU B 238 0.13 -17.83 -13.36
C LEU B 238 0.08 -19.06 -14.26
N PRO B 239 -0.68 -20.13 -13.92
CA PRO B 239 -0.80 -21.28 -14.82
C PRO B 239 -1.27 -20.89 -16.23
N ALA B 240 -2.35 -20.09 -16.30
CA ALA B 240 -2.90 -19.65 -17.58
C ALA B 240 -1.96 -18.68 -18.29
N SER B 241 -1.31 -17.79 -17.52
CA SER B 241 -0.39 -16.84 -18.13
C SER B 241 0.76 -17.57 -18.84
N TYR B 242 1.30 -18.60 -18.20
CA TYR B 242 2.39 -19.39 -18.76
C TYR B 242 1.92 -20.18 -19.97
N HIS B 243 0.80 -20.88 -19.81
CA HIS B 243 0.26 -21.75 -20.87
C HIS B 243 -0.21 -20.98 -22.11
N GLU B 244 -1.03 -19.96 -21.88
CA GLU B 244 -1.74 -19.25 -22.94
C GLU B 244 -1.06 -17.97 -23.42
N GLY B 245 -0.26 -17.35 -22.55
CA GLY B 245 0.42 -16.11 -22.89
C GLY B 245 -0.58 -15.06 -23.36
N SER B 246 -0.28 -14.42 -24.48
CA SER B 246 -1.09 -13.32 -25.03
C SER B 246 -2.52 -13.72 -25.40
N LYS B 247 -2.78 -15.03 -25.52
CA LYS B 247 -4.13 -15.52 -25.73
C LYS B 247 -5.03 -15.41 -24.49
N ASN B 248 -4.42 -15.19 -23.32
CA ASN B 248 -5.16 -14.91 -22.08
C ASN B 248 -4.66 -13.60 -21.48
N PRO B 249 -5.04 -12.45 -22.07
CA PRO B 249 -4.51 -11.17 -21.60
C PRO B 249 -4.93 -10.85 -20.17
N VAL B 250 -6.09 -11.34 -19.73
CA VAL B 250 -6.49 -11.14 -18.34
C VAL B 250 -5.49 -11.79 -17.38
N ALA B 251 -5.09 -13.04 -17.66
CA ALA B 251 -4.11 -13.69 -16.81
C ALA B 251 -2.77 -12.95 -16.80
N ARG B 252 -2.31 -12.50 -17.98
CA ARG B 252 -1.07 -11.73 -18.07
C ARG B 252 -1.20 -10.46 -17.21
N GLU B 253 -2.35 -9.78 -17.29
CA GLU B 253 -2.57 -8.56 -16.50
C GLU B 253 -2.57 -8.82 -15.00
N ARG B 254 -3.29 -9.87 -14.58
CA ARG B 254 -3.38 -10.21 -13.16
C ARG B 254 -1.99 -10.54 -12.58
N VAL B 255 -1.19 -11.31 -13.32
CA VAL B 255 0.14 -11.67 -12.85
C VAL B 255 1.08 -10.44 -12.79
N HIS B 256 0.93 -9.52 -13.76
CA HIS B 256 1.74 -8.31 -13.78
C HIS B 256 1.45 -7.47 -12.52
N SER B 257 0.16 -7.33 -12.20
CA SER B 257 -0.23 -6.65 -10.95
C SER B 257 0.32 -7.41 -9.72
N ALA B 258 0.21 -8.75 -9.73
CA ALA B 258 0.66 -9.57 -8.61
C ALA B 258 2.13 -9.36 -8.29
N ALA B 259 2.96 -9.23 -9.33
CA ALA B 259 4.40 -9.06 -9.14
C ALA B 259 4.71 -7.72 -8.45
N THR B 260 3.94 -6.69 -8.81
CA THR B 260 4.07 -5.38 -8.15
C THR B 260 3.56 -5.43 -6.71
N ILE B 261 2.44 -6.10 -6.50
CA ILE B 261 1.85 -6.24 -5.16
C ILE B 261 2.79 -7.03 -4.23
N ALA B 262 3.45 -8.06 -4.77
CA ALA B 262 4.51 -8.74 -4.02
C ALA B 262 5.63 -7.78 -3.67
N GLY B 263 5.99 -6.91 -4.62
CA GLY B 263 6.91 -5.82 -4.40
C GLY B 263 6.51 -4.91 -3.24
N ILE B 264 5.23 -4.55 -3.20
CA ILE B 264 4.72 -3.70 -2.10
C ILE B 264 5.01 -4.37 -0.77
N ALA B 265 4.77 -5.68 -0.68
CA ALA B 265 5.04 -6.42 0.54
C ALA B 265 6.53 -6.47 0.90
N PHE B 266 7.37 -6.96 -0.01
CA PHE B 266 8.78 -7.15 0.34
C PHE B 266 9.62 -5.89 0.39
N ALA B 267 9.15 -4.81 -0.25
CA ALA B 267 9.81 -3.52 -0.13
C ALA B 267 9.84 -3.06 1.33
N ASN B 268 8.87 -3.55 2.11
CA ASN B 268 8.66 -3.15 3.50
C ASN B 268 8.93 -4.23 4.53
N ALA B 269 8.66 -5.49 4.17
CA ALA B 269 8.85 -6.64 5.08
C ALA B 269 10.11 -7.46 4.78
N PHE B 270 10.72 -7.20 3.63
CA PHE B 270 11.96 -7.88 3.19
C PHE B 270 11.70 -9.36 2.89
N LEU B 271 12.77 -10.16 2.90
CA LEU B 271 12.75 -11.51 2.34
C LEU B 271 13.26 -12.56 3.34
N GLY B 272 14.10 -13.50 2.90
CA GLY B 272 14.64 -14.53 3.75
C GLY B 272 15.71 -15.30 3.03
N VAL B 273 16.02 -16.49 3.56
CA VAL B 273 17.17 -17.27 3.09
C VAL B 273 16.98 -17.89 1.72
N CYS B 274 15.74 -17.94 1.20
CA CYS B 274 15.58 -18.38 -0.19
C CYS B 274 16.33 -17.41 -1.10
N HIS B 275 16.06 -16.12 -0.95
CA HIS B 275 16.80 -15.12 -1.71
C HIS B 275 18.30 -15.11 -1.43
N SER B 276 18.69 -15.29 -0.17
CA SER B 276 20.12 -15.35 0.17
C SER B 276 20.83 -16.42 -0.66
N MET B 277 20.28 -17.63 -0.64
CA MET B 277 20.87 -18.74 -1.39
C MET B 277 20.74 -18.54 -2.90
N ALA B 278 19.59 -18.01 -3.36
CA ALA B 278 19.38 -17.77 -4.79
C ALA B 278 20.38 -16.77 -5.36
N HIS B 279 20.69 -15.71 -4.58
CA HIS B 279 21.69 -14.74 -5.02
C HIS B 279 23.03 -15.44 -5.31
N LYS B 280 23.43 -16.36 -4.43
CA LYS B 280 24.74 -17.00 -4.53
C LYS B 280 24.76 -18.04 -5.65
N LEU B 281 23.67 -18.80 -5.80
CA LEU B 281 23.54 -19.73 -6.94
C LEU B 281 23.59 -18.98 -8.26
N GLY B 282 22.89 -17.85 -8.34
CA GLY B 282 22.87 -17.02 -9.51
C GLY B 282 24.24 -16.52 -9.91
N SER B 283 24.97 -15.94 -8.95
CA SER B 283 26.30 -15.39 -9.20
C SER B 283 27.30 -16.47 -9.59
N GLN B 284 27.25 -17.59 -8.89
CA GLN B 284 28.25 -18.64 -9.08
C GLN B 284 28.05 -19.42 -10.37
N PHE B 285 26.80 -19.75 -10.69
CA PHE B 285 26.48 -20.64 -11.83
C PHE B 285 25.71 -19.98 -12.97
N HIS B 286 25.47 -18.67 -12.86
CA HIS B 286 24.79 -17.89 -13.89
C HIS B 286 23.40 -18.44 -14.17
N ILE B 287 22.72 -18.84 -13.09
CA ILE B 287 21.33 -19.27 -13.11
C ILE B 287 20.47 -18.02 -12.94
N PRO B 288 19.47 -17.81 -13.82
CA PRO B 288 18.55 -16.67 -13.65
C PRO B 288 17.95 -16.64 -12.25
N HIS B 289 17.83 -15.42 -11.71
CA HIS B 289 17.35 -15.19 -10.34
C HIS B 289 16.07 -15.96 -10.00
N GLY B 290 15.05 -15.84 -10.86
CA GLY B 290 13.76 -16.48 -10.62
C GLY B 290 13.85 -18.00 -10.65
N LEU B 291 14.70 -18.53 -11.54
CA LEU B 291 14.95 -19.98 -11.59
C LEU B 291 15.63 -20.46 -10.30
N ALA B 292 16.66 -19.73 -9.86
CA ALA B 292 17.35 -20.03 -8.61
C ALA B 292 16.37 -20.07 -7.43
N ASN B 293 15.52 -19.06 -7.32
CA ASN B 293 14.48 -19.04 -6.27
C ASN B 293 13.54 -20.25 -6.39
N ALA B 294 13.09 -20.54 -7.63
CA ALA B 294 12.17 -21.64 -7.87
C ALA B 294 12.77 -22.98 -7.43
N LEU B 295 14.07 -23.15 -7.64
CA LEU B 295 14.76 -24.38 -7.25
C LEU B 295 14.83 -24.58 -5.74
N LEU B 296 14.90 -23.46 -5.00
CA LEU B 296 15.15 -23.46 -3.55
C LEU B 296 13.92 -23.33 -2.66
N ILE B 297 12.85 -22.71 -3.17
CA ILE B 297 11.77 -22.23 -2.29
C ILE B 297 11.09 -23.35 -1.47
N CYS B 298 10.82 -24.50 -2.11
CA CYS B 298 10.18 -25.60 -1.37
C CYS B 298 11.03 -26.10 -0.18
N ASN B 299 12.35 -26.26 -0.40
CA ASN B 299 13.24 -26.68 0.67
C ASN B 299 13.40 -25.63 1.77
N VAL B 300 13.29 -24.35 1.40
CA VAL B 300 13.34 -23.27 2.38
C VAL B 300 12.08 -23.28 3.24
N ILE B 301 10.92 -23.54 2.62
CA ILE B 301 9.68 -23.71 3.37
C ILE B 301 9.82 -24.86 4.37
N ARG B 302 10.33 -26.01 3.91
CA ARG B 302 10.51 -27.16 4.81
C ARG B 302 11.42 -26.79 5.99
N TYR B 303 12.52 -26.10 5.69
CA TYR B 303 13.47 -25.65 6.69
C TYR B 303 12.84 -24.68 7.70
N ASN B 304 12.20 -23.63 7.18
CA ASN B 304 11.60 -22.60 8.02
C ASN B 304 10.43 -23.11 8.86
N ALA B 305 9.73 -24.13 8.35
CA ALA B 305 8.59 -24.72 9.03
C ALA B 305 8.96 -25.64 10.20
N ASN B 306 10.24 -25.92 10.41
CA ASN B 306 10.66 -26.75 11.54
C ASN B 306 10.06 -26.26 12.86
N ASP B 307 9.45 -27.19 13.60
CA ASP B 307 8.73 -26.90 14.84
C ASP B 307 9.71 -26.70 16.02
N ASN B 308 9.92 -25.42 16.38
CA ASN B 308 10.71 -24.98 17.54
C ASN B 308 12.13 -25.56 17.53
N PRO B 321 5.21 -14.94 15.67
CA PRO B 321 4.72 -16.33 15.68
C PRO B 321 5.65 -17.30 14.91
N GLN B 322 5.33 -18.60 14.98
CA GLN B 322 6.04 -19.60 14.20
C GLN B 322 5.78 -19.43 12.70
N ALA B 323 6.84 -19.53 11.91
CA ALA B 323 6.71 -19.60 10.47
C ALA B 323 5.74 -20.71 10.03
N ARG B 324 5.74 -21.85 10.73
N ARG B 324 5.78 -21.84 10.74
CA ARG B 324 4.85 -22.96 10.38
CA ARG B 324 4.88 -22.97 10.54
C ARG B 324 3.38 -22.59 10.43
C ARG B 324 3.44 -22.52 10.42
N ARG B 325 2.97 -21.82 11.45
CA ARG B 325 1.61 -21.29 11.51
C ARG B 325 1.32 -20.36 10.32
N ARG B 326 2.29 -19.54 9.95
CA ARG B 326 2.14 -18.59 8.84
C ARG B 326 1.99 -19.30 7.51
N TYR B 327 2.79 -20.35 7.29
CA TYR B 327 2.66 -21.14 6.06
C TYR B 327 1.27 -21.76 5.98
N ALA B 328 0.75 -22.23 7.11
CA ALA B 328 -0.61 -22.79 7.18
C ALA B 328 -1.66 -21.72 6.84
N GLU B 329 -1.43 -20.50 7.30
CA GLU B 329 -2.30 -19.35 6.95
C GLU B 329 -2.34 -19.11 5.43
N ILE B 330 -1.18 -19.24 4.77
CA ILE B 330 -1.11 -19.09 3.33
C ILE B 330 -1.94 -20.20 2.66
N ALA B 331 -1.75 -21.44 3.09
CA ALA B 331 -2.54 -22.56 2.58
C ALA B 331 -4.04 -22.29 2.69
N ASP B 332 -4.49 -21.80 3.85
CA ASP B 332 -5.88 -21.45 4.06
C ASP B 332 -6.35 -20.36 3.09
N HIS B 333 -5.53 -19.31 2.96
CA HIS B 333 -5.86 -18.19 2.09
C HIS B 333 -6.04 -18.62 0.62
N LEU B 334 -5.19 -19.56 0.19
CA LEU B 334 -5.21 -20.06 -1.17
C LEU B 334 -6.23 -21.16 -1.44
N GLY B 335 -7.01 -21.54 -0.42
CA GLY B 335 -8.02 -22.57 -0.53
C GLY B 335 -7.44 -23.96 -0.72
N LEU B 336 -6.22 -24.19 -0.22
CA LEU B 336 -5.52 -25.46 -0.40
C LEU B 336 -5.82 -26.46 0.71
N SER B 337 -6.25 -25.96 1.87
CA SER B 337 -6.53 -26.80 3.03
C SER B 337 -7.96 -27.34 3.00
N ALA B 338 -8.19 -28.41 3.78
CA ALA B 338 -9.52 -28.99 3.98
C ALA B 338 -9.90 -28.81 5.44
N PRO B 339 -11.21 -28.72 5.77
CA PRO B 339 -11.63 -28.66 7.18
C PRO B 339 -11.02 -29.82 7.96
N GLY B 340 -10.51 -29.52 9.16
CA GLY B 340 -9.90 -30.50 10.03
C GLY B 340 -8.42 -30.79 9.79
N ASP B 341 -7.85 -30.24 8.71
CA ASP B 341 -6.42 -30.35 8.46
C ASP B 341 -5.63 -29.74 9.60
N ARG B 342 -4.59 -30.46 10.04
CA ARG B 342 -3.64 -29.93 11.00
C ARG B 342 -2.58 -29.13 10.24
N THR B 343 -1.79 -28.36 11.00
CA THR B 343 -0.77 -27.47 10.43
C THR B 343 0.17 -28.22 9.46
N ALA B 344 0.69 -29.37 9.89
CA ALA B 344 1.60 -30.17 9.07
C ALA B 344 1.01 -30.48 7.68
N ALA B 345 -0.25 -30.92 7.67
CA ALA B 345 -0.96 -31.27 6.45
C ALA B 345 -1.22 -30.04 5.55
N LYS B 346 -1.53 -28.90 6.16
CA LYS B 346 -1.69 -27.65 5.41
C LYS B 346 -0.40 -27.28 4.69
N ILE B 347 0.74 -27.45 5.36
CA ILE B 347 2.04 -27.15 4.77
C ILE B 347 2.38 -28.13 3.63
N GLU B 348 2.06 -29.41 3.82
CA GLU B 348 2.26 -30.39 2.75
C GLU B 348 1.43 -30.01 1.51
N LYS B 349 0.21 -29.50 1.73
CA LYS B 349 -0.65 -29.06 0.63
C LYS B 349 -0.10 -27.82 -0.06
N LEU B 350 0.48 -26.89 0.72
CA LEU B 350 1.16 -25.73 0.17
C LEU B 350 2.33 -26.15 -0.73
N LEU B 351 3.15 -27.08 -0.22
CA LEU B 351 4.28 -27.60 -0.96
C LEU B 351 3.84 -28.31 -2.25
N ALA B 352 2.76 -29.10 -2.18
CA ALA B 352 2.25 -29.83 -3.34
C ALA B 352 1.80 -28.87 -4.44
N TRP B 353 1.14 -27.77 -4.03
CA TRP B 353 0.72 -26.72 -4.95
C TRP B 353 1.92 -26.14 -5.68
N LEU B 354 2.96 -25.78 -4.92
CA LEU B 354 4.17 -25.22 -5.49
C LEU B 354 4.86 -26.18 -6.46
N GLU B 355 4.91 -27.46 -6.07
CA GLU B 355 5.57 -28.47 -6.90
C GLU B 355 4.84 -28.63 -8.23
N THR B 356 3.51 -28.60 -8.20
CA THR B 356 2.70 -28.72 -9.41
C THR B 356 2.86 -27.48 -10.31
N LEU B 357 2.94 -26.31 -9.69
CA LEU B 357 3.18 -25.08 -10.41
C LEU B 357 4.56 -25.10 -11.11
N LYS B 358 5.58 -25.48 -10.38
CA LYS B 358 6.93 -25.63 -10.92
C LYS B 358 6.96 -26.60 -12.11
N ALA B 359 6.22 -27.69 -12.01
CA ALA B 359 6.14 -28.70 -13.07
C ALA B 359 5.56 -28.13 -14.34
N GLU B 360 4.43 -27.42 -14.23
CA GLU B 360 3.85 -26.77 -15.40
C GLU B 360 4.81 -25.81 -16.06
N LEU B 361 5.54 -25.08 -15.22
CA LEU B 361 6.44 -24.03 -15.67
C LEU B 361 7.82 -24.52 -16.14
N GLY B 362 7.99 -25.85 -16.16
CA GLY B 362 9.19 -26.47 -16.72
C GLY B 362 10.42 -26.29 -15.85
N ILE B 363 10.21 -26.07 -14.55
CA ILE B 363 11.30 -25.89 -13.60
C ILE B 363 11.97 -27.24 -13.41
N PRO B 364 13.32 -27.32 -13.48
CA PRO B 364 14.03 -28.57 -13.17
C PRO B 364 13.75 -29.04 -11.76
N LYS B 365 13.88 -30.35 -11.54
CA LYS B 365 13.60 -30.96 -10.23
C LYS B 365 14.78 -30.88 -9.24
N SER B 366 15.91 -30.33 -9.68
CA SER B 366 17.13 -30.20 -8.88
C SER B 366 18.08 -29.21 -9.55
N ILE B 367 19.07 -28.76 -8.80
CA ILE B 367 20.12 -27.89 -9.36
C ILE B 367 20.95 -28.70 -10.37
N ARG B 368 21.12 -30.00 -10.11
CA ARG B 368 21.82 -30.87 -11.08
C ARG B 368 21.11 -30.82 -12.43
N GLU B 369 19.78 -30.94 -12.41
CA GLU B 369 18.97 -30.91 -13.64
C GLU B 369 18.86 -29.52 -14.27
N ALA B 370 19.30 -28.49 -13.54
CA ALA B 370 19.46 -27.15 -14.10
C ALA B 370 20.82 -26.95 -14.79
N GLY B 371 21.59 -28.04 -14.91
CA GLY B 371 22.81 -28.06 -15.70
C GLY B 371 24.12 -27.81 -14.96
N VAL B 372 24.07 -27.77 -13.62
CA VAL B 372 25.28 -27.57 -12.82
C VAL B 372 25.99 -28.91 -12.60
N GLN B 373 27.28 -28.95 -12.95
CA GLN B 373 28.12 -30.14 -12.80
C GLN B 373 28.40 -30.42 -11.32
N GLU B 374 28.39 -31.70 -10.94
CA GLU B 374 28.54 -32.11 -9.55
C GLU B 374 29.84 -31.63 -8.92
N ALA B 375 30.97 -31.80 -9.62
CA ALA B 375 32.29 -31.43 -9.07
C ALA B 375 32.34 -29.92 -8.81
N ASP B 376 31.83 -29.15 -9.78
CA ASP B 376 31.71 -27.69 -9.69
C ASP B 376 30.89 -27.29 -8.44
N PHE B 377 29.75 -27.95 -8.24
CA PHE B 377 28.88 -27.63 -7.11
C PHE B 377 29.58 -27.93 -5.79
N LEU B 378 30.17 -29.13 -5.69
CA LEU B 378 30.82 -29.57 -4.47
C LEU B 378 32.03 -28.70 -4.10
N ALA B 379 32.74 -28.20 -5.13
CA ALA B 379 33.91 -27.36 -4.94
C ALA B 379 33.53 -25.98 -4.39
N ASN B 380 32.28 -25.57 -4.63
CA ASN B 380 31.80 -24.24 -4.26
C ASN B 380 30.76 -24.17 -3.14
N VAL B 381 30.24 -25.32 -2.70
CA VAL B 381 29.10 -25.33 -1.77
C VAL B 381 29.40 -24.70 -0.40
N ASP B 382 30.62 -24.90 0.12
CA ASP B 382 31.00 -24.27 1.40
C ASP B 382 30.95 -22.76 1.28
N LYS B 383 31.57 -22.20 0.23
CA LYS B 383 31.55 -20.76 -0.01
C LYS B 383 30.12 -20.25 -0.21
N LEU B 384 29.30 -21.00 -0.97
CA LEU B 384 27.91 -20.60 -1.18
C LEU B 384 27.18 -20.47 0.16
N SER B 385 27.40 -21.45 1.04
CA SER B 385 26.71 -21.51 2.32
CA SER B 385 26.72 -21.51 2.33
C SER B 385 27.13 -20.36 3.23
N GLU B 386 28.43 -20.06 3.23
CA GLU B 386 28.98 -18.96 4.04
C GLU B 386 28.47 -17.61 3.53
N ASP B 387 28.51 -17.42 2.21
CA ASP B 387 28.07 -16.17 1.60
C ASP B 387 26.58 -15.97 1.79
N ALA B 388 25.81 -17.05 1.68
CA ALA B 388 24.36 -16.97 1.87
C ALA B 388 24.02 -16.56 3.29
N PHE B 389 24.73 -17.12 4.27
CA PHE B 389 24.57 -16.73 5.67
C PHE B 389 24.78 -15.22 5.85
N ASP B 390 25.85 -14.72 5.23
CA ASP B 390 26.24 -13.30 5.31
C ASP B 390 25.32 -12.34 4.53
N ASP B 391 24.54 -12.85 3.58
CA ASP B 391 23.66 -12.03 2.75
C ASP B 391 22.70 -11.22 3.62
N GLN B 392 22.43 -9.98 3.20
CA GLN B 392 21.52 -9.10 3.92
C GLN B 392 20.12 -9.69 4.08
N CYS B 393 19.70 -10.52 3.12
CA CYS B 393 18.38 -11.15 3.15
C CYS B 393 18.19 -12.11 4.32
N THR B 394 19.30 -12.64 4.85
CA THR B 394 19.23 -13.65 5.89
C THR B 394 18.63 -13.11 7.19
N GLY B 395 18.89 -11.84 7.50
CA GLY B 395 18.44 -11.23 8.72
C GLY B 395 16.94 -11.26 8.99
N ALA B 396 16.14 -11.23 7.92
CA ALA B 396 14.69 -11.25 8.01
C ALA B 396 14.10 -12.66 8.07
N ASN B 397 14.91 -13.69 7.80
CA ASN B 397 14.41 -15.05 7.81
C ASN B 397 13.89 -15.43 9.20
N PRO B 398 12.72 -16.11 9.30
CA PRO B 398 12.16 -16.46 10.60
C PRO B 398 12.96 -17.48 11.41
N ARG B 399 13.73 -18.33 10.71
CA ARG B 399 14.67 -19.24 11.33
C ARG B 399 16.07 -18.67 11.18
N TYR B 400 16.75 -18.47 12.31
CA TYR B 400 18.11 -17.95 12.30
C TYR B 400 19.01 -19.11 11.86
N PRO B 401 19.66 -19.03 10.69
CA PRO B 401 20.35 -20.21 10.14
C PRO B 401 21.76 -20.43 10.65
N LEU B 402 22.19 -21.69 10.62
CA LEU B 402 23.59 -22.04 10.76
C LEU B 402 24.11 -22.29 9.35
N ILE B 403 25.39 -21.98 9.14
CA ILE B 403 26.05 -22.25 7.87
C ILE B 403 25.92 -23.72 7.48
N SER B 404 26.07 -24.62 8.46
CA SER B 404 25.94 -26.06 8.21
C SER B 404 24.56 -26.47 7.67
N GLU B 405 23.51 -25.78 8.13
CA GLU B 405 22.15 -26.02 7.69
C GLU B 405 21.91 -25.52 6.26
N LEU B 406 22.44 -24.34 5.94
CA LEU B 406 22.36 -23.82 4.58
C LEU B 406 23.11 -24.74 3.61
N LYS B 407 24.24 -25.28 4.06
CA LYS B 407 24.98 -26.26 3.23
C LYS B 407 24.11 -27.48 2.95
N GLN B 408 23.44 -27.98 3.99
CA GLN B 408 22.56 -29.13 3.83
C GLN B 408 21.43 -28.86 2.85
N ILE B 409 20.79 -27.67 2.96
CA ILE B 409 19.73 -27.28 2.04
C ILE B 409 20.25 -27.28 0.61
N LEU B 410 21.44 -26.69 0.42
CA LEU B 410 22.05 -26.57 -0.90
C LEU B 410 22.34 -27.95 -1.52
N LEU B 411 22.90 -28.85 -0.71
CA LEU B 411 23.17 -30.21 -1.18
C LEU B 411 21.88 -30.95 -1.51
N ASP B 412 20.89 -30.87 -0.61
CA ASP B 412 19.61 -31.54 -0.84
C ASP B 412 18.99 -31.05 -2.15
N THR B 413 19.05 -29.73 -2.38
CA THR B 413 18.50 -29.11 -3.57
C THR B 413 19.29 -29.49 -4.82
N TYR B 414 20.60 -29.64 -4.68
CA TYR B 414 21.45 -30.08 -5.79
C TYR B 414 21.03 -31.47 -6.26
N TYR B 415 20.82 -32.39 -5.32
CA TYR B 415 20.55 -33.80 -5.62
C TYR B 415 19.07 -34.12 -5.78
N GLY B 416 18.21 -33.13 -5.58
CA GLY B 416 16.77 -33.29 -5.74
C GLY B 416 16.08 -33.99 -4.58
N ARG B 417 16.66 -33.90 -3.38
CA ARG B 417 16.08 -34.46 -2.15
C ARG B 417 15.28 -33.39 -1.43
N ASP B 418 14.20 -33.82 -0.75
CA ASP B 418 13.48 -32.96 0.19
C ASP B 418 14.34 -32.79 1.43
N TYR B 419 14.46 -31.55 1.91
CA TYR B 419 15.13 -31.27 3.17
C TYR B 419 14.35 -31.93 4.31
N VAL B 420 15.06 -32.65 5.18
CA VAL B 420 14.51 -33.31 6.37
C VAL B 420 15.38 -32.91 7.56
N GLU B 421 14.73 -32.49 8.64
CA GLU B 421 15.40 -31.90 9.80
C GLU B 421 16.32 -32.89 10.50
#